data_7EYE
#
_entry.id   7EYE
#
_cell.length_a   1.00
_cell.length_b   1.00
_cell.length_c   1.00
_cell.angle_alpha   90.00
_cell.angle_beta   90.00
_cell.angle_gamma   90.00
#
_symmetry.space_group_name_H-M   'P 1'
#
_entity_poly.entity_id   1
_entity_poly.type   'polypeptide(L)'
_entity_poly.pdbx_seq_one_letter_code
;MVSKGEELFTGVVPILVELDGDVNGHKFSVSGEGEGDATYGKLTLKFICTTGKLPVPWPTLVTTLTYGVQCFSRYPDHMK
QHDFFKSAMPEGYVQERTIFFKDDGNYKTRAEVKFEGDTLVNRIELKGIDFKEDGNILGHKLEYNYNSHNVYIMADKQKN
GIKVNFKIRHNIEDGSVQLADHYQQNTPIGDGPVLLPDNHYLSTQSALSKDPNEKRDHMVLLEFVTAAGITLGMDELYKS
GLRSRAQASNSMPSSLLGAAMPASTSAAALQEALENAGRLIDRQLQEDRMYPDLSELLMVSAPNNPTVSGMSDMDYPLQG
PGLLSVPNLPEISSIRRVPLPPELVEQFGHMQCNCMMGVFPPISRAWLTIDSDIFMWNYEDGGDLAYFDGLSETILAVGL
VKPKAGIFQPHVRHLLVLATPVDIVILGLSYANLQTGSGVLNDSLSGGMQLLPDPLYSLPTDNTYLLTITSTDNGRIFLA
GKDGCLYEVAYQAEAGWFSQRCRKINHSKSSLSFLVPSLLQFTFSEDDPILQIAIDNSRNILYTRSEKGVIQVYDLGQDG
QGMSRVASVSQNAIVSAAGNIARTIDRSVFKPIVQIAVIENSESLDCQLLAVTHAGVRLYFSTCPFRQPLARPNTLTLVH
VRLPPGFSASSTVEKPSKVHRALYSKGILLMAASENEDNDILWCVNHDTFPFQKPMMETQMTAGVDGHSWALSAIDELKV
DKIITPLNKDHIPITDSPVVVQQHMLPPKKFVLLSAQGSLMFHKLRPVDQLRHLLVSNVGGDGEEIERFFKLHQEDQACA
TCLILACSTAACDREVSAWATRAFFRYGGEAQMRFPTTLPPPSNVGPILGSPVYSSSPVPSGSPYPNPSFLGTPSHGIQP
PAMSTPVCALGNPATQATNMSCVTGPEIVYSGKHNGICIYFSRIMGNIWDASLVVERIFKSGNREITAIESSVPCQLLES
VLQELKGLQEFLDRNSQFAGGPLGNPNTTAKVQQRLIGFMRPENGNPQQMQQELQRKFHEAQLSEKISLQAIQQLVRKSY
QALALWKLLCEHQFTIIVAELQKELQEQLKITTFKDLVIRDKELTGALIASLINCYIRDNAAVDGISLHLQDIC
;
_entity_poly.pdbx_strand_id   A
#
# COMPACT_ATOMS: atom_id res chain seq x y z
N LEU A 270 -28.74 24.15 -22.57
CA LEU A 270 -28.96 24.89 -21.34
C LEU A 270 -27.74 24.77 -20.46
N GLN A 271 -27.21 23.57 -20.35
CA GLN A 271 -26.00 23.30 -19.58
C GLN A 271 -24.94 22.85 -20.56
N GLU A 272 -23.76 23.43 -20.46
CA GLU A 272 -22.85 23.23 -21.56
C GLU A 272 -22.20 21.85 -21.52
N ALA A 273 -21.58 21.51 -22.64
CA ALA A 273 -20.96 20.20 -22.82
C ALA A 273 -19.90 19.96 -21.77
N LEU A 274 -19.09 20.96 -21.48
CA LEU A 274 -18.06 20.78 -20.47
C LEU A 274 -18.68 20.59 -19.09
N GLU A 275 -19.73 21.35 -18.78
CA GLU A 275 -20.45 21.16 -17.53
C GLU A 275 -21.03 19.77 -17.43
N ASN A 276 -21.68 19.34 -18.50
CA ASN A 276 -22.25 18.01 -18.57
C ASN A 276 -21.17 16.95 -18.45
N ALA A 277 -20.04 17.17 -19.11
CA ALA A 277 -18.93 16.25 -19.08
C ALA A 277 -18.36 16.15 -17.68
N GLY A 278 -18.25 17.29 -17.00
CA GLY A 278 -17.82 17.27 -15.63
C GLY A 278 -18.80 16.56 -14.73
N ARG A 279 -20.10 16.64 -15.04
CA ARG A 279 -21.10 15.86 -14.30
C ARG A 279 -20.94 14.35 -14.52
N LEU A 280 -20.74 13.94 -15.75
CA LEU A 280 -20.52 12.52 -16.01
C LEU A 280 -19.26 12.04 -15.32
N ILE A 281 -18.19 12.83 -15.36
CA ILE A 281 -16.96 12.46 -14.67
C ILE A 281 -17.18 12.36 -13.18
N ASP A 282 -17.87 13.34 -12.59
CA ASP A 282 -18.18 13.28 -11.17
C ASP A 282 -18.97 12.03 -10.83
N ARG A 283 -19.97 11.72 -11.65
CA ARG A 283 -20.75 10.51 -11.41
C ARG A 283 -19.88 9.27 -11.53
N GLN A 284 -19.00 9.22 -12.52
CA GLN A 284 -18.09 8.09 -12.63
C GLN A 284 -17.18 7.97 -11.42
N LEU A 285 -16.70 9.11 -10.93
CA LEU A 285 -15.90 9.15 -9.71
C LEU A 285 -16.69 8.59 -8.55
N GLN A 286 -17.94 9.02 -8.43
CA GLN A 286 -18.80 8.55 -7.36
C GLN A 286 -19.04 7.04 -7.47
N GLU A 287 -19.22 6.53 -8.70
CA GLU A 287 -19.43 5.10 -8.87
C GLU A 287 -18.19 4.30 -8.49
N ASP A 288 -17.02 4.73 -8.99
CA ASP A 288 -15.79 4.06 -8.59
C ASP A 288 -15.59 4.20 -7.10
N ARG A 289 -16.15 5.26 -6.51
CA ARG A 289 -16.05 5.48 -5.09
C ARG A 289 -17.22 4.87 -4.33
N MET A 290 -18.05 4.10 -5.01
CA MET A 290 -19.09 3.37 -4.32
C MET A 290 -18.60 2.00 -3.93
N TYR A 291 -17.33 1.73 -4.19
CA TYR A 291 -16.70 0.45 -3.89
C TYR A 291 -17.06 -0.01 -2.48
N PRO A 292 -17.54 -1.24 -2.31
CA PRO A 292 -17.93 -1.70 -0.98
C PRO A 292 -16.75 -1.63 -0.02
N ASP A 293 -17.03 -1.19 1.19
CA ASP A 293 -15.99 -1.17 2.20
C ASP A 293 -15.68 -2.57 2.69
N LEU A 294 -14.50 -2.70 3.30
CA LEU A 294 -14.06 -4.01 3.78
C LEU A 294 -15.02 -4.57 4.80
N SER A 295 -15.64 -3.71 5.60
CA SER A 295 -16.61 -4.20 6.55
C SER A 295 -17.83 -4.76 5.82
N GLU A 296 -18.38 -3.98 4.90
CA GLU A 296 -19.41 -4.52 4.00
C GLU A 296 -18.84 -5.59 3.09
N LEU A 297 -17.62 -5.38 2.56
CA LEU A 297 -17.03 -6.41 1.71
C LEU A 297 -17.02 -7.74 2.43
N LEU A 298 -16.94 -7.69 3.75
CA LEU A 298 -16.96 -8.86 4.59
C LEU A 298 -18.25 -8.93 5.40
N MET A 299 -19.15 -7.97 5.22
CA MET A 299 -20.43 -7.92 5.91
C MET A 299 -20.23 -8.26 7.36
N VAL A 300 -19.27 -7.57 7.97
CA VAL A 300 -18.78 -7.99 9.26
C VAL A 300 -19.84 -7.92 10.33
N SER A 301 -21.00 -7.38 9.99
CA SER A 301 -22.09 -7.27 10.94
C SER A 301 -22.43 -8.67 11.43
N ALA A 302 -22.41 -9.63 10.51
CA ALA A 302 -22.67 -11.01 10.88
C ALA A 302 -21.33 -11.61 11.25
N PRO A 303 -21.21 -12.12 12.47
CA PRO A 303 -19.97 -12.71 13.00
C PRO A 303 -19.86 -14.22 12.87
N ASN A 304 -20.75 -14.85 12.11
CA ASN A 304 -20.83 -16.29 12.17
C ASN A 304 -19.65 -16.96 11.50
N ASN A 305 -19.70 -18.27 11.56
CA ASN A 305 -18.72 -19.10 10.88
C ASN A 305 -18.52 -18.63 9.46
N PRO A 306 -19.56 -18.40 8.66
CA PRO A 306 -19.30 -17.97 7.29
C PRO A 306 -18.83 -16.53 7.22
N THR A 307 -18.75 -15.81 8.34
CA THR A 307 -18.07 -14.53 8.30
C THR A 307 -16.63 -14.76 7.87
N VAL A 308 -15.99 -15.73 8.51
CA VAL A 308 -14.71 -16.18 8.03
C VAL A 308 -14.91 -16.72 6.61
N SER A 309 -13.92 -16.56 5.75
CA SER A 309 -14.06 -16.98 4.36
C SER A 309 -12.99 -18.00 3.99
N GLY A 310 -13.42 -19.15 3.48
CA GLY A 310 -12.52 -20.24 3.19
C GLY A 310 -11.92 -20.22 1.80
N MET A 311 -11.07 -21.21 1.57
CA MET A 311 -10.41 -21.52 0.33
C MET A 311 -11.31 -22.06 -0.75
N SER A 312 -12.54 -22.40 -0.42
CA SER A 312 -13.41 -22.99 -1.43
C SER A 312 -13.67 -22.03 -2.55
N ASP A 313 -13.56 -20.74 -2.29
CA ASP A 313 -13.60 -19.73 -3.31
C ASP A 313 -12.24 -19.27 -3.76
N MET A 314 -11.17 -19.84 -3.23
CA MET A 314 -9.83 -19.47 -3.67
C MET A 314 -9.27 -20.50 -4.64
N ASP A 315 -8.68 -20.02 -5.74
CA ASP A 315 -7.90 -20.88 -6.61
C ASP A 315 -6.43 -20.53 -6.44
N TYR A 316 -5.59 -21.56 -6.36
CA TYR A 316 -4.16 -21.33 -6.20
C TYR A 316 -3.43 -21.70 -7.47
N PRO A 317 -3.16 -20.75 -8.37
CA PRO A 317 -2.44 -21.10 -9.59
C PRO A 317 -0.97 -21.38 -9.32
N LEU A 318 -0.54 -22.59 -9.61
CA LEU A 318 0.85 -22.97 -9.48
C LEU A 318 1.39 -23.33 -10.83
N GLN A 319 2.51 -22.72 -11.18
CA GLN A 319 3.25 -23.17 -12.34
C GLN A 319 4.62 -23.75 -12.04
N GLY A 320 5.20 -23.49 -10.87
CA GLY A 320 6.54 -23.95 -10.59
C GLY A 320 7.60 -22.87 -10.39
N PRO A 321 8.47 -23.05 -9.42
CA PRO A 321 9.60 -22.12 -9.27
C PRO A 321 10.41 -22.06 -10.55
N GLY A 322 10.64 -20.84 -11.03
CA GLY A 322 11.49 -20.66 -12.17
C GLY A 322 10.92 -21.01 -13.52
N LEU A 323 9.62 -21.26 -13.63
CA LEU A 323 9.02 -21.52 -14.94
C LEU A 323 9.22 -20.36 -15.89
N LEU A 324 9.44 -20.68 -17.17
CA LEU A 324 9.75 -19.66 -18.14
C LEU A 324 8.51 -18.90 -18.57
N SER A 325 7.35 -19.26 -18.05
CA SER A 325 6.15 -18.50 -18.32
C SER A 325 5.68 -17.87 -17.02
N VAL A 326 5.58 -16.56 -17.01
CA VAL A 326 5.01 -15.86 -15.87
C VAL A 326 3.52 -16.20 -15.92
N PRO A 327 2.83 -16.33 -14.81
CA PRO A 327 1.38 -16.50 -14.89
C PRO A 327 0.72 -15.25 -15.44
N ASN A 328 -0.40 -15.44 -16.13
CA ASN A 328 -1.15 -14.34 -16.73
C ASN A 328 -2.17 -13.73 -15.79
N LEU A 329 -2.34 -14.26 -14.61
CA LEU A 329 -3.28 -13.63 -13.70
C LEU A 329 -2.71 -13.50 -12.29
N PRO A 330 -1.41 -13.23 -12.11
CA PRO A 330 -0.93 -13.03 -10.75
C PRO A 330 -1.17 -11.60 -10.34
N GLU A 331 -1.24 -11.39 -9.04
CA GLU A 331 -1.28 -10.05 -8.50
C GLU A 331 0.11 -9.55 -8.13
N ILE A 332 1.11 -10.41 -8.25
CA ILE A 332 2.48 -10.08 -7.94
C ILE A 332 3.35 -10.80 -8.94
N SER A 333 4.48 -10.18 -9.27
CA SER A 333 5.44 -10.78 -10.19
C SER A 333 6.86 -10.50 -9.71
N SER A 334 7.69 -11.53 -9.69
CA SER A 334 9.07 -11.34 -9.33
C SER A 334 9.76 -10.54 -10.41
N ILE A 335 10.38 -9.44 -10.03
CA ILE A 335 10.97 -8.54 -10.99
C ILE A 335 12.50 -8.57 -10.97
N ARG A 336 13.12 -8.79 -9.82
CA ARG A 336 14.56 -8.87 -9.75
C ARG A 336 15.03 -9.45 -8.41
N ARG A 337 16.32 -9.81 -8.39
CA ARG A 337 17.04 -10.44 -7.29
C ARG A 337 18.45 -9.84 -7.24
N VAL A 338 19.05 -9.76 -6.06
CA VAL A 338 20.38 -9.17 -5.92
C VAL A 338 21.38 -10.17 -5.33
N PRO A 339 22.50 -10.40 -6.03
CA PRO A 339 23.53 -11.32 -5.53
C PRO A 339 24.17 -10.76 -4.26
N LEU A 340 24.46 -11.63 -3.29
CA LEU A 340 25.07 -11.21 -2.03
C LEU A 340 26.48 -10.66 -2.21
N PRO A 341 26.80 -9.56 -1.49
CA PRO A 341 28.11 -8.90 -1.52
C PRO A 341 29.21 -9.75 -0.88
N PRO A 342 30.41 -9.71 -1.46
CA PRO A 342 31.57 -10.46 -0.96
C PRO A 342 32.00 -10.02 0.44
N GLU A 343 31.98 -8.71 0.69
CA GLU A 343 32.37 -8.15 1.99
C GLU A 343 31.41 -8.44 3.15
N LEU A 344 30.12 -8.33 2.93
CA LEU A 344 29.15 -8.56 3.98
C LEU A 344 29.32 -9.99 4.46
N VAL A 345 29.61 -10.88 3.52
CA VAL A 345 29.77 -12.28 3.82
C VAL A 345 31.08 -12.51 4.56
N GLU A 346 32.13 -11.80 4.18
CA GLU A 346 33.40 -11.99 4.87
C GLU A 346 33.30 -11.66 6.35
N GLN A 347 32.90 -10.43 6.66
CA GLN A 347 32.75 -10.06 8.07
C GLN A 347 31.62 -10.83 8.73
N PHE A 348 30.51 -10.99 8.02
CA PHE A 348 29.36 -11.72 8.49
C PHE A 348 29.73 -13.12 8.92
N GLY A 349 30.56 -13.76 8.14
CA GLY A 349 31.11 -15.07 8.41
C GLY A 349 32.17 -15.02 9.44
N HIS A 350 32.52 -13.82 9.82
CA HIS A 350 33.37 -13.62 10.96
C HIS A 350 32.55 -13.33 12.20
N MET A 351 31.22 -13.24 12.07
CA MET A 351 30.37 -13.11 13.25
C MET A 351 30.60 -14.30 14.18
N GLN A 352 30.72 -14.00 15.47
CA GLN A 352 30.95 -15.04 16.46
C GLN A 352 29.70 -15.51 17.18
N CYS A 353 28.77 -14.63 17.54
CA CYS A 353 27.73 -15.10 18.42
C CYS A 353 26.30 -14.83 17.95
N ASN A 354 26.09 -13.76 17.19
CA ASN A 354 24.70 -13.50 16.81
C ASN A 354 24.59 -12.81 15.45
N CYS A 355 23.60 -13.25 14.70
CA CYS A 355 23.33 -12.75 13.37
C CYS A 355 21.84 -12.70 13.16
N MET A 356 21.33 -11.52 12.83
CA MET A 356 19.91 -11.30 12.57
C MET A 356 19.82 -10.42 11.34
N MET A 357 19.25 -10.94 10.27
CA MET A 357 19.13 -10.16 9.04
C MET A 357 17.74 -9.56 8.94
N GLY A 358 17.57 -8.61 8.02
CA GLY A 358 16.26 -8.00 7.86
C GLY A 358 16.25 -7.00 6.74
N VAL A 359 15.06 -6.43 6.53
CA VAL A 359 14.81 -5.48 5.45
C VAL A 359 14.42 -4.14 6.08
N PHE A 360 14.94 -3.05 5.50
CA PHE A 360 14.46 -1.69 5.73
C PHE A 360 13.89 -1.06 4.47
N PRO A 361 12.65 -1.37 4.13
CA PRO A 361 12.07 -0.86 2.88
C PRO A 361 11.74 0.64 2.90
N PRO A 362 11.57 1.30 4.05
CA PRO A 362 11.47 2.76 4.00
C PRO A 362 12.66 3.42 3.34
N ILE A 363 13.78 2.72 3.26
CA ILE A 363 15.01 3.33 2.80
C ILE A 363 15.61 2.48 1.69
N SER A 364 14.86 1.47 1.24
CA SER A 364 15.25 0.62 0.11
C SER A 364 16.55 -0.11 0.43
N ARG A 365 16.75 -0.39 1.71
CA ARG A 365 17.95 -1.04 2.19
C ARG A 365 17.61 -2.25 3.04
N ALA A 366 18.54 -3.21 3.11
CA ALA A 366 18.31 -4.42 3.87
C ALA A 366 19.42 -4.57 4.89
N TRP A 367 19.15 -5.40 5.90
CA TRP A 367 20.11 -5.54 6.97
C TRP A 367 20.40 -7.00 7.29
N LEU A 368 21.44 -7.15 8.10
CA LEU A 368 21.93 -8.40 8.65
C LEU A 368 22.70 -8.11 9.92
N THR A 369 22.59 -8.97 10.94
CA THR A 369 23.34 -8.70 12.15
C THR A 369 24.53 -9.63 12.22
N ILE A 370 25.52 -9.12 12.96
CA ILE A 370 26.79 -9.75 13.27
C ILE A 370 26.94 -9.68 14.78
N ASP A 371 27.89 -10.44 15.33
CA ASP A 371 28.04 -10.46 16.78
C ASP A 371 28.36 -9.09 17.37
N SER A 372 29.25 -8.33 16.73
CA SER A 372 29.59 -7.02 17.26
C SER A 372 29.69 -5.86 16.26
N ASP A 373 28.57 -5.36 15.72
CA ASP A 373 28.73 -4.22 14.83
C ASP A 373 27.55 -4.12 13.86
N ILE A 374 27.23 -2.90 13.42
CA ILE A 374 26.17 -2.76 12.42
C ILE A 374 26.74 -2.04 11.20
N PHE A 375 26.62 -2.68 10.06
CA PHE A 375 27.07 -2.17 8.77
C PHE A 375 25.85 -2.17 7.84
N MET A 376 25.63 -1.07 7.11
CA MET A 376 24.43 -0.94 6.29
C MET A 376 24.72 -0.81 4.81
N TRP A 377 23.96 -1.55 4.03
CA TRP A 377 24.10 -1.54 2.59
C TRP A 377 22.73 -1.53 1.91
N ASN A 378 22.71 -0.93 0.72
CA ASN A 378 21.51 -0.85 -0.13
C ASN A 378 21.42 -2.06 -1.05
N TYR A 379 20.29 -2.76 -0.98
CA TYR A 379 20.24 -3.94 -1.81
C TYR A 379 20.02 -3.56 -3.25
N GLU A 380 19.40 -2.40 -3.50
CA GLU A 380 19.14 -2.01 -4.87
C GLU A 380 20.42 -1.80 -5.65
N ASP A 381 21.43 -1.20 -5.04
CA ASP A 381 22.66 -0.98 -5.80
C ASP A 381 23.73 -2.01 -5.51
N GLY A 382 23.70 -2.64 -4.35
CA GLY A 382 24.86 -3.43 -3.99
C GLY A 382 26.04 -2.49 -4.03
N GLY A 383 25.85 -1.32 -3.43
CA GLY A 383 26.92 -0.36 -3.26
C GLY A 383 27.82 -0.74 -2.12
N ASP A 384 28.76 0.16 -1.81
CA ASP A 384 29.56 0.01 -0.62
C ASP A 384 28.69 -0.25 0.60
N LEU A 385 29.24 -0.96 1.57
CA LEU A 385 28.54 -1.24 2.82
C LEU A 385 28.82 -0.09 3.76
N ALA A 386 27.78 0.44 4.40
CA ALA A 386 27.98 1.55 5.33
C ALA A 386 28.25 0.93 6.69
N TYR A 387 29.45 1.16 7.20
CA TYR A 387 29.97 0.43 8.35
C TYR A 387 29.82 1.21 9.65
N PHE A 388 29.32 0.54 10.69
CA PHE A 388 29.31 1.03 12.05
C PHE A 388 29.68 -0.11 12.97
N ASP A 389 30.80 0.04 13.64
CA ASP A 389 31.39 -1.04 14.39
C ASP A 389 31.79 -0.60 15.77
N GLY A 390 31.34 0.58 16.19
CA GLY A 390 31.72 1.12 17.48
C GLY A 390 30.98 0.53 18.66
N LEU A 391 29.97 -0.31 18.42
CA LEU A 391 29.29 -0.97 19.51
C LEU A 391 30.17 -2.05 20.09
N SER A 392 30.22 -2.13 21.41
CA SER A 392 30.99 -3.16 22.08
C SER A 392 30.14 -4.35 22.44
N GLU A 393 28.85 -4.31 22.15
CA GLU A 393 27.99 -5.42 22.49
C GLU A 393 27.08 -5.78 21.34
N THR A 394 26.64 -7.04 21.36
CA THR A 394 25.78 -7.59 20.33
C THR A 394 24.43 -6.92 20.25
N ILE A 395 23.92 -6.75 19.04
CA ILE A 395 22.63 -6.12 18.81
C ILE A 395 21.62 -7.18 18.41
N LEU A 396 20.59 -7.36 19.23
CA LEU A 396 19.58 -8.39 18.99
C LEU A 396 18.82 -8.11 17.71
N ALA A 397 18.43 -6.85 17.51
CA ALA A 397 17.81 -6.44 16.26
C ALA A 397 17.97 -4.93 16.14
N VAL A 398 17.87 -4.45 14.91
CA VAL A 398 17.97 -3.04 14.62
C VAL A 398 16.67 -2.59 13.96
N GLY A 399 16.04 -1.58 14.52
CA GLY A 399 14.81 -1.05 13.98
C GLY A 399 15.02 0.19 13.13
N LEU A 400 14.14 0.38 12.17
CA LEU A 400 14.13 1.54 11.31
C LEU A 400 12.90 2.36 11.68
N VAL A 401 13.11 3.59 12.15
CA VAL A 401 12.03 4.33 12.79
C VAL A 401 12.09 5.80 12.37
N LYS A 402 10.95 6.45 12.49
CA LYS A 402 10.86 7.88 12.28
C LYS A 402 11.54 8.63 13.43
N PRO A 403 12.20 9.75 13.14
CA PRO A 403 12.87 10.49 14.22
C PRO A 403 11.89 11.35 15.00
N LYS A 404 12.26 11.60 16.26
CA LYS A 404 11.58 12.58 17.09
C LYS A 404 11.81 14.01 16.60
N ALA A 405 10.72 14.75 16.46
CA ALA A 405 10.80 16.14 16.04
C ALA A 405 11.57 16.95 17.06
N GLY A 406 12.35 17.91 16.56
CA GLY A 406 13.10 18.82 17.39
C GLY A 406 14.42 18.29 17.89
N ILE A 407 14.77 17.06 17.52
CA ILE A 407 16.04 16.48 17.96
C ILE A 407 17.14 16.67 16.94
N PHE A 408 16.85 16.37 15.68
CA PHE A 408 17.87 16.21 14.65
C PHE A 408 17.95 17.39 13.70
N GLN A 409 19.06 17.47 12.99
CA GLN A 409 19.06 18.35 11.85
C GLN A 409 18.10 17.76 10.83
N PRO A 410 17.37 18.59 10.12
CA PRO A 410 16.26 18.11 9.28
C PRO A 410 16.59 17.03 8.27
N HIS A 411 17.86 16.83 8.00
CA HIS A 411 18.21 15.85 6.98
C HIS A 411 17.85 14.43 7.40
N VAL A 412 17.59 14.21 8.67
CA VAL A 412 17.29 12.88 9.16
C VAL A 412 15.91 12.43 8.72
N ARG A 413 15.88 11.38 7.91
CA ARG A 413 14.65 10.77 7.44
C ARG A 413 14.22 9.60 8.31
N HIS A 414 15.17 8.96 9.00
CA HIS A 414 14.90 7.76 9.77
C HIS A 414 15.93 7.66 10.89
N LEU A 415 15.66 6.75 11.84
CA LEU A 415 16.54 6.52 12.97
C LEU A 415 16.87 5.05 13.15
N LEU A 416 18.11 4.78 13.54
CA LEU A 416 18.56 3.45 13.87
C LEU A 416 18.48 3.20 15.37
N VAL A 417 17.80 2.11 15.74
CA VAL A 417 17.74 1.65 17.12
C VAL A 417 18.39 0.26 17.23
N LEU A 418 19.42 0.16 18.08
CA LEU A 418 20.13 -1.09 18.32
C LEU A 418 20.08 -1.45 19.80
N ALA A 419 19.81 -2.72 20.09
CA ALA A 419 19.73 -3.21 21.45
C ALA A 419 20.92 -4.14 21.70
N THR A 420 21.61 -3.94 22.81
CA THR A 420 22.77 -4.77 23.12
C THR A 420 22.68 -5.25 24.56
N PRO A 421 23.33 -6.37 24.90
CA PRO A 421 23.23 -6.89 26.27
C PRO A 421 23.78 -5.95 27.32
N VAL A 422 24.42 -4.86 26.90
CA VAL A 422 24.90 -3.86 27.83
C VAL A 422 24.16 -2.54 27.65
N ASP A 423 23.71 -2.21 26.44
CA ASP A 423 23.12 -0.91 26.20
C ASP A 423 22.12 -1.01 25.04
N ILE A 424 21.36 0.05 24.84
CA ILE A 424 20.56 0.23 23.62
C ILE A 424 20.89 1.58 23.01
N VAL A 425 21.39 1.56 21.78
CA VAL A 425 22.03 2.71 21.14
C VAL A 425 21.22 3.22 19.95
N ILE A 426 21.17 4.54 19.82
CA ILE A 426 20.44 5.26 18.79
C ILE A 426 21.43 5.91 17.82
N LEU A 427 21.26 5.68 16.51
CA LEU A 427 22.09 6.33 15.50
C LEU A 427 21.25 7.04 14.45
N GLY A 428 21.43 8.36 14.38
CA GLY A 428 20.90 9.19 13.32
C GLY A 428 21.26 8.74 11.93
N LEU A 429 20.32 8.90 11.00
CA LEU A 429 20.49 8.42 9.64
C LEU A 429 20.07 9.49 8.66
N SER A 430 20.90 9.68 7.64
CA SER A 430 20.60 10.54 6.50
C SER A 430 20.59 9.71 5.22
N TYR A 431 19.43 9.67 4.55
CA TYR A 431 19.29 9.02 3.24
C TYR A 431 19.25 10.03 2.09
N ALA A 432 20.39 10.66 1.80
CA ALA A 432 20.47 11.53 0.63
C ALA A 432 20.87 10.69 -0.57
N ASN A 433 20.16 10.85 -1.68
CA ASN A 433 20.40 9.96 -2.81
C ASN A 433 21.75 10.19 -3.47
N LEU A 434 22.46 9.09 -3.73
CA LEU A 434 23.78 9.16 -4.34
C LEU A 434 23.64 9.03 -5.85
N GLN A 435 24.74 8.79 -6.54
CA GLN A 435 24.70 8.63 -7.98
C GLN A 435 23.84 7.44 -8.38
N SER A 444 13.54 8.08 -8.41
CA SER A 444 14.94 7.93 -7.99
C SER A 444 15.27 6.47 -7.79
N LEU A 445 16.49 6.07 -8.11
CA LEU A 445 16.84 4.67 -7.92
C LEU A 445 16.88 4.32 -6.44
N SER A 446 17.60 5.10 -5.64
CA SER A 446 17.54 4.88 -4.19
C SER A 446 18.17 6.05 -3.44
N GLY A 447 17.87 6.08 -2.14
CA GLY A 447 18.50 7.03 -1.22
C GLY A 447 19.87 6.57 -0.77
N GLY A 448 20.87 7.45 -0.94
CA GLY A 448 22.19 7.20 -0.42
C GLY A 448 22.24 7.53 1.06
N MET A 449 22.72 6.60 1.86
CA MET A 449 22.63 6.74 3.30
C MET A 449 23.93 7.26 3.86
N GLN A 450 23.81 8.20 4.75
CA GLN A 450 24.91 8.63 5.60
C GLN A 450 24.42 8.55 7.04
N LEU A 451 25.32 8.13 7.92
CA LEU A 451 24.97 7.90 9.31
C LEU A 451 25.47 8.97 10.25
N LEU A 452 24.58 9.39 11.13
CA LEU A 452 24.90 10.42 12.10
C LEU A 452 25.28 9.77 13.41
N PRO A 453 26.47 10.12 13.91
CA PRO A 453 27.07 9.67 15.16
C PRO A 453 26.21 10.17 16.30
N ASP A 454 25.88 9.26 17.21
CA ASP A 454 25.15 9.62 18.41
C ASP A 454 25.94 9.14 19.63
N PRO A 455 26.73 10.00 20.26
CA PRO A 455 27.83 9.47 21.06
C PRO A 455 27.44 8.97 22.46
N LEU A 456 26.35 9.50 23.02
CA LEU A 456 25.96 9.21 24.39
C LEU A 456 24.76 8.28 24.54
N TYR A 457 24.11 7.87 23.44
CA TYR A 457 22.85 7.12 23.54
C TYR A 457 23.08 5.63 23.72
N SER A 458 23.43 5.24 24.94
CA SER A 458 23.45 3.82 25.21
C SER A 458 22.93 3.57 26.62
N LEU A 459 22.10 2.54 26.75
CA LEU A 459 21.55 2.14 28.05
C LEU A 459 21.00 0.74 27.97
N PRO A 460 21.15 -0.07 29.02
CA PRO A 460 20.36 -1.30 29.12
C PRO A 460 18.87 -1.01 29.16
N THR A 461 18.09 -1.81 28.44
CA THR A 461 16.64 -1.75 28.57
C THR A 461 16.36 -2.32 29.94
N ASP A 462 16.67 -3.60 30.10
CA ASP A 462 16.50 -4.36 31.32
C ASP A 462 17.14 -5.72 31.04
N ASN A 463 17.03 -6.64 31.98
CA ASN A 463 17.49 -7.98 31.67
C ASN A 463 16.64 -8.59 30.58
N THR A 464 15.53 -7.95 30.23
CA THR A 464 14.67 -8.43 29.17
C THR A 464 15.37 -8.34 27.83
N TYR A 465 15.31 -9.42 27.05
CA TYR A 465 15.78 -9.33 25.68
C TYR A 465 14.76 -8.52 24.88
N LEU A 466 15.23 -7.90 23.81
CA LEU A 466 14.38 -7.09 22.94
C LEU A 466 14.49 -7.61 21.52
N LEU A 467 13.36 -8.03 20.97
CA LEU A 467 13.31 -8.59 19.63
C LEU A 467 12.39 -7.89 18.66
N THR A 468 11.50 -7.01 19.11
CA THR A 468 10.46 -6.46 18.25
C THR A 468 10.44 -4.94 18.36
N ILE A 469 10.49 -4.28 17.20
CA ILE A 469 10.56 -2.82 17.10
C ILE A 469 9.46 -2.30 16.19
N THR A 470 8.72 -1.29 16.65
CA THR A 470 7.73 -0.61 15.83
C THR A 470 7.84 0.91 16.02
N SER A 471 7.26 1.66 15.08
CA SER A 471 7.22 3.11 15.16
C SER A 471 5.95 3.65 14.55
N THR A 472 5.43 4.73 15.13
CA THR A 472 4.26 5.39 14.57
C THR A 472 4.65 6.47 13.57
N ASP A 473 3.63 7.11 13.02
CA ASP A 473 3.87 8.23 12.10
C ASP A 473 4.57 9.38 12.79
N ASN A 474 4.14 9.73 14.01
CA ASN A 474 4.85 10.78 14.71
C ASN A 474 6.27 10.34 15.05
N GLY A 475 6.43 9.09 15.48
CA GLY A 475 7.73 8.55 15.82
C GLY A 475 7.85 8.02 17.24
N ARG A 476 6.74 7.68 17.87
CA ARG A 476 6.79 6.99 19.16
C ARG A 476 7.23 5.56 18.95
N ILE A 477 8.10 5.06 19.82
CA ILE A 477 8.77 3.78 19.61
C ILE A 477 8.40 2.85 20.74
N PHE A 478 7.73 1.77 20.41
CA PHE A 478 7.28 0.81 21.40
C PHE A 478 8.02 -0.49 21.18
N LEU A 479 8.44 -1.14 22.27
CA LEU A 479 9.45 -2.19 22.18
C LEU A 479 9.03 -3.38 23.02
N ALA A 480 9.08 -4.56 22.43
CA ALA A 480 8.84 -5.82 23.11
C ALA A 480 9.91 -6.81 22.68
N GLY A 481 10.29 -7.68 23.59
CA GLY A 481 11.32 -8.65 23.28
C GLY A 481 11.01 -10.07 23.69
N LYS A 482 11.85 -10.68 24.52
CA LYS A 482 11.62 -12.05 24.94
C LYS A 482 10.74 -12.14 26.19
N ASP A 483 10.25 -11.01 26.67
CA ASP A 483 9.33 -10.93 27.80
C ASP A 483 8.10 -10.16 27.37
N GLY A 484 7.00 -10.46 28.02
CA GLY A 484 5.75 -9.85 27.65
C GLY A 484 5.71 -8.48 28.27
N CYS A 485 6.49 -7.57 27.68
CA CYS A 485 6.56 -6.21 28.17
C CYS A 485 6.76 -5.30 26.96
N LEU A 486 6.30 -4.06 27.11
CA LEU A 486 6.29 -3.08 26.03
C LEU A 486 7.13 -1.89 26.46
N TYR A 487 8.34 -1.80 25.92
CA TYR A 487 9.24 -0.72 26.27
C TYR A 487 9.05 0.41 25.27
N GLU A 488 9.34 1.63 25.71
CA GLU A 488 9.42 2.75 24.80
C GLU A 488 10.80 3.33 24.97
N VAL A 489 11.45 3.67 23.86
CA VAL A 489 12.80 4.21 23.91
C VAL A 489 12.77 5.71 23.64
N ALA A 490 13.26 6.44 24.62
CA ALA A 490 13.51 7.87 24.56
C ALA A 490 15.02 8.09 24.56
N TYR A 491 15.47 9.20 23.97
CA TYR A 491 16.88 9.55 24.02
C TYR A 491 17.07 11.04 24.20
N GLN A 492 18.15 11.38 24.91
CA GLN A 492 18.43 12.76 25.24
C GLN A 492 19.90 12.88 25.61
N ALA A 493 20.44 14.07 25.37
CA ALA A 493 21.86 14.32 25.48
C ALA A 493 22.40 14.21 26.90
N GLU A 494 21.60 14.49 27.90
CA GLU A 494 22.11 14.61 29.25
C GLU A 494 21.92 13.31 30.02
N ALA A 495 22.92 12.96 30.84
CA ALA A 495 22.83 11.81 31.75
C ALA A 495 22.41 12.31 33.12
N GLY A 496 21.37 11.70 33.67
CA GLY A 496 20.81 12.18 34.91
C GLY A 496 20.70 11.34 36.17
N TRP A 497 20.52 12.07 37.27
CA TRP A 497 20.28 11.47 38.56
C TRP A 497 18.88 10.89 38.66
N PHE A 498 17.90 11.50 37.99
CA PHE A 498 16.53 10.98 38.05
C PHE A 498 16.14 10.19 36.80
N SER A 499 16.99 10.19 35.79
CA SER A 499 16.70 9.55 34.52
C SER A 499 18.03 9.18 33.88
N GLN A 500 18.10 7.99 33.30
CA GLN A 500 19.32 7.57 32.66
C GLN A 500 19.59 8.46 31.45
N ARG A 501 20.80 8.34 30.91
CA ARG A 501 21.21 9.17 29.78
C ARG A 501 20.40 8.87 28.52
N CYS A 502 19.76 7.71 28.52
CA CYS A 502 18.80 7.24 27.54
C CYS A 502 17.78 6.54 28.41
N ARG A 503 16.49 6.63 28.09
CA ARG A 503 15.60 6.05 29.08
C ARG A 503 14.44 5.38 28.38
N LYS A 504 13.92 4.42 29.09
CA LYS A 504 12.87 3.53 28.66
C LYS A 504 11.88 3.41 29.80
N ILE A 505 10.62 3.22 29.47
CA ILE A 505 9.60 3.10 30.50
C ILE A 505 8.75 1.90 30.13
N ASN A 506 8.18 1.26 31.15
CA ASN A 506 7.36 0.08 30.94
C ASN A 506 5.91 0.44 30.71
N HIS A 507 5.41 0.10 29.52
CA HIS A 507 4.04 0.35 29.13
C HIS A 507 3.15 -0.86 29.39
N SER A 508 3.74 -2.01 29.71
CA SER A 508 3.00 -3.22 29.98
C SER A 508 2.79 -3.34 31.48
N LYS A 509 1.71 -2.74 31.95
CA LYS A 509 1.36 -2.74 33.35
C LYS A 509 0.33 -3.81 33.62
N SER A 510 0.14 -4.71 32.69
CA SER A 510 -0.86 -5.73 32.86
C SER A 510 -0.51 -6.85 33.82
N SER A 511 0.75 -7.12 34.16
CA SER A 511 0.96 -8.23 35.07
C SER A 511 0.24 -7.98 36.40
N LEU A 512 0.67 -6.94 37.11
CA LEU A 512 0.09 -6.53 38.39
C LEU A 512 -0.09 -7.64 39.41
N SER A 513 -0.10 -8.88 38.94
CA SER A 513 -0.27 -10.04 39.81
C SER A 513 -1.53 -9.91 40.66
N PHE A 514 -2.71 -9.94 39.99
CA PHE A 514 -3.88 -9.78 40.85
C PHE A 514 -4.59 -11.05 41.35
N LEU A 515 -4.93 -12.06 40.53
CA LEU A 515 -5.60 -13.22 41.18
C LEU A 515 -4.69 -14.35 41.65
N VAL A 516 -4.35 -15.22 40.68
CA VAL A 516 -3.43 -16.35 40.79
C VAL A 516 -2.66 -16.79 39.50
N PRO A 517 -2.52 -15.90 38.50
CA PRO A 517 -1.82 -16.42 37.32
C PRO A 517 -0.35 -16.82 37.50
N SER A 518 0.48 -16.00 38.13
CA SER A 518 1.88 -16.35 38.33
C SER A 518 2.63 -15.64 39.46
N LEU A 519 1.94 -14.81 40.24
CA LEU A 519 2.61 -14.04 41.28
C LEU A 519 3.28 -14.79 42.44
N LEU A 520 2.63 -15.82 42.97
CA LEU A 520 3.18 -16.57 44.10
C LEU A 520 3.46 -18.04 43.82
N GLN A 521 3.56 -18.42 42.55
CA GLN A 521 3.74 -19.83 42.23
C GLN A 521 4.96 -19.95 41.33
N PHE A 522 4.77 -19.51 40.09
CA PHE A 522 5.78 -19.49 39.05
C PHE A 522 6.00 -18.06 38.58
N THR A 523 7.27 -17.70 38.42
CA THR A 523 7.93 -16.62 39.12
C THR A 523 7.48 -15.16 38.88
N PHE A 524 7.15 -14.80 37.63
CA PHE A 524 6.87 -13.40 37.33
C PHE A 524 5.73 -13.32 36.33
N SER A 525 5.83 -14.10 35.27
CA SER A 525 4.77 -14.08 34.27
C SER A 525 4.75 -15.36 33.45
N GLU A 526 5.42 -16.40 33.91
CA GLU A 526 5.45 -17.73 33.29
C GLU A 526 5.69 -17.75 31.78
N ASP A 527 6.88 -17.33 31.33
CA ASP A 527 7.13 -17.34 29.89
C ASP A 527 6.19 -16.63 28.92
N ASP A 528 6.00 -15.34 29.13
CA ASP A 528 5.15 -14.45 28.36
C ASP A 528 5.65 -13.93 27.00
N PRO A 529 5.96 -14.86 26.12
CA PRO A 529 6.98 -14.69 25.08
C PRO A 529 6.61 -13.75 23.93
N ILE A 530 6.38 -12.46 24.14
CA ILE A 530 5.89 -11.65 23.01
C ILE A 530 6.75 -11.80 21.75
N LEU A 531 6.08 -12.06 20.64
CA LEU A 531 6.75 -12.28 19.34
C LEU A 531 6.75 -11.16 18.29
N GLN A 532 5.60 -10.55 17.99
CA GLN A 532 5.62 -9.50 16.97
C GLN A 532 4.53 -8.51 17.33
N ILE A 533 4.89 -7.23 17.22
CA ILE A 533 4.00 -6.11 17.51
C ILE A 533 3.37 -5.66 16.19
N ALA A 534 2.56 -4.60 16.22
CA ALA A 534 1.85 -4.04 15.07
C ALA A 534 1.14 -2.77 15.55
N ILE A 535 1.15 -1.73 14.73
CA ILE A 535 0.60 -0.43 15.10
C ILE A 535 -0.48 0.04 14.15
N ASP A 536 -1.59 0.53 14.72
CA ASP A 536 -2.68 1.14 13.96
C ASP A 536 -2.67 2.61 14.34
N ASN A 537 -2.21 3.45 13.43
CA ASN A 537 -2.07 4.87 13.69
C ASN A 537 -3.39 5.61 13.65
N SER A 538 -4.40 5.09 12.97
CA SER A 538 -5.61 5.87 12.79
C SER A 538 -6.41 6.00 14.07
N ARG A 539 -6.19 5.13 15.03
CA ARG A 539 -6.76 5.30 16.36
C ARG A 539 -5.70 5.38 17.45
N ASN A 540 -4.41 5.39 17.09
CA ASN A 540 -3.33 5.26 18.06
C ASN A 540 -3.33 3.86 18.67
N ILE A 541 -3.49 2.83 17.83
CA ILE A 541 -3.65 1.46 18.29
C ILE A 541 -2.38 0.66 18.06
N LEU A 542 -2.05 -0.18 19.04
CA LEU A 542 -0.95 -1.13 18.98
C LEU A 542 -1.49 -2.54 19.12
N TYR A 543 -0.95 -3.45 18.29
CA TYR A 543 -1.33 -4.85 18.25
C TYR A 543 -0.17 -5.70 18.73
N THR A 544 -0.46 -6.75 19.47
CA THR A 544 0.61 -7.66 19.84
C THR A 544 0.27 -9.10 19.47
N ARG A 545 1.32 -9.84 19.13
CA ARG A 545 1.27 -11.28 19.02
C ARG A 545 2.37 -11.80 19.93
N SER A 546 2.05 -12.66 20.86
CA SER A 546 3.10 -13.26 21.66
C SER A 546 3.44 -14.61 21.06
N GLU A 547 4.52 -15.21 21.56
CA GLU A 547 4.77 -16.57 21.14
C GLU A 547 3.65 -17.47 21.61
N LYS A 548 2.91 -17.05 22.64
CA LYS A 548 1.70 -17.73 23.05
C LYS A 548 0.43 -17.18 22.40
N GLY A 549 0.55 -16.24 21.47
CA GLY A 549 -0.57 -15.71 20.71
C GLY A 549 -1.48 -14.70 21.39
N VAL A 550 -1.09 -14.14 22.53
CA VAL A 550 -1.95 -13.19 23.22
C VAL A 550 -1.94 -11.85 22.49
N ILE A 551 -3.12 -11.28 22.25
CA ILE A 551 -3.28 -9.98 21.61
C ILE A 551 -3.81 -8.90 22.55
N GLN A 552 -3.05 -7.83 22.69
CA GLN A 552 -3.46 -6.62 23.41
C GLN A 552 -3.53 -5.41 22.49
N VAL A 553 -4.54 -4.57 22.71
CA VAL A 553 -4.79 -3.36 21.94
C VAL A 553 -4.52 -2.18 22.85
N TYR A 554 -3.73 -1.23 22.36
CA TYR A 554 -3.32 -0.07 23.12
C TYR A 554 -3.69 1.21 22.41
N ASP A 555 -4.22 2.16 23.16
CA ASP A 555 -4.53 3.48 22.64
C ASP A 555 -3.56 4.46 23.25
N LEU A 556 -3.19 5.48 22.47
CA LEU A 556 -2.38 6.55 23.01
C LEU A 556 -3.32 7.59 23.58
N GLY A 557 -3.19 7.85 24.87
CA GLY A 557 -3.94 8.90 25.52
C GLY A 557 -3.68 10.23 24.89
N GLN A 558 -4.50 11.20 25.28
CA GLN A 558 -4.40 12.53 24.68
C GLN A 558 -3.07 13.20 25.01
N ASP A 559 -2.31 12.66 25.96
CA ASP A 559 -1.04 13.28 26.34
C ASP A 559 0.04 13.09 25.29
N GLY A 560 -0.10 12.10 24.41
CA GLY A 560 0.81 11.89 23.32
C GLY A 560 2.12 11.26 23.71
N GLN A 561 2.29 10.96 24.99
CA GLN A 561 3.43 10.23 25.49
C GLN A 561 3.02 9.11 26.42
N GLY A 562 1.76 9.08 26.86
CA GLY A 562 1.26 8.01 27.67
C GLY A 562 0.68 6.92 26.78
N MET A 563 0.73 5.68 27.28
CA MET A 563 -0.01 4.58 26.70
C MET A 563 -0.56 3.71 27.80
N SER A 564 -1.87 3.41 27.74
CA SER A 564 -2.52 2.62 28.77
C SER A 564 -3.15 1.39 28.13
N ARG A 565 -2.82 0.23 28.67
CA ARG A 565 -3.42 -1.04 28.24
C ARG A 565 -4.87 -1.12 28.65
N VAL A 566 -5.73 -1.39 27.70
CA VAL A 566 -7.16 -1.40 27.96
C VAL A 566 -7.75 -2.78 27.76
N ALA A 567 -7.04 -3.67 27.07
CA ALA A 567 -7.49 -5.03 26.83
C ALA A 567 -6.32 -5.97 26.83
N SER A 568 -6.53 -7.18 27.35
CA SER A 568 -5.57 -8.27 27.29
C SER A 568 -6.34 -9.48 26.80
N VAL A 569 -6.00 -9.92 25.59
CA VAL A 569 -6.73 -10.98 24.92
C VAL A 569 -5.74 -12.06 24.53
N SER A 570 -5.88 -13.23 25.13
CA SER A 570 -4.95 -14.31 24.85
C SER A 570 -5.32 -14.98 23.53
N GLN A 571 -4.39 -15.79 23.03
CA GLN A 571 -4.73 -16.65 21.90
C GLN A 571 -5.87 -17.57 22.27
N ASN A 572 -5.88 -18.06 23.51
CA ASN A 572 -7.00 -18.86 23.98
C ASN A 572 -8.30 -18.11 23.81
N ALA A 573 -8.28 -16.79 23.95
CA ALA A 573 -9.49 -16.04 23.69
C ALA A 573 -9.81 -15.99 22.20
N ILE A 574 -8.79 -15.84 21.35
CA ILE A 574 -9.05 -15.84 19.91
C ILE A 574 -9.71 -17.13 19.50
N VAL A 575 -9.14 -18.24 19.96
CA VAL A 575 -9.65 -19.55 19.62
C VAL A 575 -11.00 -19.78 20.25
N SER A 576 -11.20 -19.32 21.49
CA SER A 576 -12.50 -19.45 22.11
C SER A 576 -13.52 -18.72 21.27
N ALA A 577 -13.13 -17.57 20.74
CA ALA A 577 -13.98 -16.83 19.82
C ALA A 577 -14.28 -17.66 18.58
N ALA A 578 -13.26 -18.29 18.02
CA ALA A 578 -13.49 -19.08 16.83
C ALA A 578 -14.42 -20.25 17.09
N GLY A 579 -14.24 -20.96 18.19
CA GLY A 579 -15.17 -22.02 18.54
C GLY A 579 -16.55 -21.51 18.84
N ASN A 580 -16.62 -20.30 19.35
CA ASN A 580 -17.89 -19.67 19.61
C ASN A 580 -18.50 -19.12 18.34
N ILE A 581 -17.74 -19.13 17.24
CA ILE A 581 -18.26 -18.68 15.95
C ILE A 581 -19.37 -19.60 15.49
N ALA A 582 -19.60 -20.68 16.23
CA ALA A 582 -20.49 -21.83 16.08
C ALA A 582 -19.90 -22.92 15.22
N ARG A 583 -18.66 -22.79 14.79
CA ARG A 583 -17.93 -23.91 14.21
C ARG A 583 -16.95 -24.40 15.25
N THR A 584 -16.39 -25.57 15.02
CA THR A 584 -15.42 -26.12 15.95
C THR A 584 -14.07 -25.41 15.78
N ILE A 585 -13.36 -25.24 16.90
CA ILE A 585 -12.02 -24.69 16.92
C ILE A 585 -11.03 -25.72 17.44
N ASP A 586 -11.37 -26.37 18.54
CA ASP A 586 -10.48 -27.36 19.07
C ASP A 586 -10.26 -28.46 18.05
N ARG A 587 -11.15 -28.57 17.07
CA ARG A 587 -10.82 -29.42 15.94
C ARG A 587 -9.85 -28.71 15.00
N SER A 588 -9.80 -27.40 15.12
CA SER A 588 -8.85 -26.58 14.38
C SER A 588 -7.61 -26.30 15.27
N VAL A 589 -7.64 -26.86 16.49
CA VAL A 589 -6.58 -26.68 17.48
C VAL A 589 -5.86 -28.01 17.78
N PHE A 590 -4.53 -27.97 17.79
CA PHE A 590 -3.77 -26.82 18.26
C PHE A 590 -3.27 -25.99 17.09
N LYS A 591 -3.64 -24.71 17.10
CA LYS A 591 -3.28 -23.82 16.03
C LYS A 591 -2.65 -22.58 16.66
N PRO A 592 -1.46 -22.23 16.26
CA PRO A 592 -0.90 -20.95 16.71
C PRO A 592 -1.04 -19.89 15.64
N ILE A 593 -1.18 -18.63 16.02
CA ILE A 593 -1.10 -17.53 15.07
C ILE A 593 0.35 -17.06 15.01
N VAL A 594 0.92 -17.06 13.80
CA VAL A 594 2.36 -16.77 13.65
C VAL A 594 2.66 -15.36 13.16
N GLN A 595 1.69 -14.64 12.61
CA GLN A 595 2.00 -13.28 12.18
C GLN A 595 0.75 -12.43 12.28
N ILE A 596 0.95 -11.13 12.46
CA ILE A 596 -0.14 -10.16 12.51
C ILE A 596 0.07 -9.09 11.44
N ALA A 597 -1.05 -8.61 10.90
CA ALA A 597 -1.06 -7.52 9.93
C ALA A 597 -2.16 -6.53 10.33
N VAL A 598 -1.79 -5.26 10.48
CA VAL A 598 -2.77 -4.26 10.88
C VAL A 598 -3.82 -4.04 9.80
N ILE A 599 -5.02 -3.71 10.25
CA ILE A 599 -6.10 -3.22 9.41
C ILE A 599 -6.51 -1.87 9.97
N GLU A 600 -6.14 -0.80 9.29
CA GLU A 600 -6.47 0.54 9.75
C GLU A 600 -7.96 0.81 9.63
N ASN A 601 -8.42 1.81 10.38
CA ASN A 601 -9.82 2.17 10.31
C ASN A 601 -10.19 2.70 8.95
N SER A 602 -9.20 3.22 8.22
CA SER A 602 -9.38 3.49 6.80
C SER A 602 -9.65 2.20 6.04
N GLU A 603 -8.99 1.12 6.43
CA GLU A 603 -9.24 -0.17 5.77
C GLU A 603 -10.57 -0.76 6.20
N SER A 604 -10.92 -0.65 7.48
CA SER A 604 -12.15 -1.24 7.97
C SER A 604 -12.67 -0.40 9.12
N LEU A 605 -13.99 -0.24 9.18
CA LEU A 605 -14.56 0.48 10.31
C LEU A 605 -14.39 -0.30 11.61
N ASP A 606 -15.03 -1.47 11.69
CA ASP A 606 -15.00 -2.27 12.91
C ASP A 606 -13.74 -3.14 13.01
N CYS A 607 -13.36 -3.82 11.92
CA CYS A 607 -12.30 -4.83 11.98
C CYS A 607 -10.92 -4.18 11.98
N GLN A 608 -10.12 -4.56 12.97
CA GLN A 608 -8.87 -3.90 13.27
C GLN A 608 -7.61 -4.61 12.79
N LEU A 609 -7.66 -5.92 12.52
CA LEU A 609 -6.40 -6.65 12.44
C LEU A 609 -6.55 -7.90 11.59
N LEU A 610 -5.46 -8.25 10.91
CA LEU A 610 -5.30 -9.55 10.27
C LEU A 610 -4.21 -10.31 11.03
N ALA A 611 -4.49 -11.57 11.38
CA ALA A 611 -3.52 -12.46 11.99
C ALA A 611 -3.29 -13.70 11.16
N VAL A 612 -2.05 -14.19 11.15
CA VAL A 612 -1.67 -15.37 10.37
C VAL A 612 -1.31 -16.50 11.31
N THR A 613 -1.95 -17.65 11.13
CA THR A 613 -1.60 -18.84 11.89
C THR A 613 -0.43 -19.58 11.25
N HIS A 614 0.11 -20.54 12.01
CA HIS A 614 1.13 -21.43 11.48
C HIS A 614 0.58 -22.29 10.36
N ALA A 615 -0.74 -22.30 10.16
CA ALA A 615 -1.39 -22.91 9.03
C ALA A 615 -1.71 -21.90 7.94
N GLY A 616 -1.11 -20.71 7.98
CA GLY A 616 -1.37 -19.78 6.90
C GLY A 616 -2.71 -19.10 6.99
N VAL A 617 -3.44 -19.32 8.07
CA VAL A 617 -4.80 -18.84 8.22
C VAL A 617 -4.77 -17.35 8.50
N ARG A 618 -5.55 -16.57 7.74
CA ARG A 618 -5.60 -15.11 7.89
C ARG A 618 -6.84 -14.78 8.71
N LEU A 619 -6.62 -14.42 9.98
CA LEU A 619 -7.67 -14.11 10.94
C LEU A 619 -7.91 -12.61 11.04
N TYR A 620 -9.14 -12.19 10.75
CA TYR A 620 -9.49 -10.77 10.74
C TYR A 620 -10.22 -10.42 12.04
N PHE A 621 -9.66 -9.47 12.79
CA PHE A 621 -10.17 -9.13 14.10
C PHE A 621 -10.60 -7.68 14.20
N SER A 622 -11.74 -7.47 14.82
CA SER A 622 -12.22 -6.15 15.19
C SER A 622 -11.77 -5.82 16.61
N THR A 623 -12.00 -4.58 17.00
CA THR A 623 -11.83 -4.22 18.39
C THR A 623 -12.81 -3.10 18.69
N CYS A 624 -13.32 -3.08 19.91
CA CYS A 624 -14.35 -2.13 20.20
C CYS A 624 -14.35 -1.76 21.66
N PRO A 625 -14.57 -0.51 21.99
CA PRO A 625 -14.80 -0.16 23.37
C PRO A 625 -16.20 -0.34 23.88
N PHE A 626 -16.25 -0.70 25.15
CA PHE A 626 -17.43 -0.77 25.96
C PHE A 626 -17.80 0.57 26.45
N ARG A 627 -16.87 1.46 26.32
CA ARG A 627 -17.10 2.75 26.76
C ARG A 627 -16.63 3.52 25.55
N PRO A 633 -10.38 0.57 22.52
CA PRO A 633 -11.50 -0.38 22.52
C PRO A 633 -11.57 -1.18 23.82
N ASN A 634 -12.72 -1.78 24.09
CA ASN A 634 -12.91 -2.57 25.30
C ASN A 634 -13.31 -4.01 24.98
N THR A 635 -13.36 -4.33 23.69
CA THR A 635 -13.72 -5.67 23.26
C THR A 635 -13.09 -5.86 21.89
N LEU A 636 -12.75 -7.11 21.61
CA LEU A 636 -12.11 -7.50 20.37
C LEU A 636 -12.85 -8.75 19.94
N THR A 637 -13.15 -8.85 18.65
CA THR A 637 -13.92 -9.99 18.19
C THR A 637 -13.27 -10.60 16.96
N LEU A 638 -13.08 -11.91 17.00
CA LEU A 638 -12.68 -12.70 15.84
C LEU A 638 -13.92 -12.86 14.97
N VAL A 639 -13.90 -12.28 13.77
CA VAL A 639 -15.08 -12.24 12.93
C VAL A 639 -14.90 -13.01 11.63
N HIS A 640 -13.74 -12.92 11.02
CA HIS A 640 -13.59 -13.39 9.66
C HIS A 640 -12.17 -13.92 9.49
N VAL A 641 -12.05 -15.00 8.74
CA VAL A 641 -10.78 -15.69 8.54
C VAL A 641 -10.68 -16.05 7.06
N ARG A 642 -9.57 -15.68 6.43
CA ARG A 642 -9.23 -16.19 5.13
C ARG A 642 -8.21 -17.32 5.30
N LEU A 643 -8.60 -18.53 4.86
CA LEU A 643 -7.82 -19.74 4.91
C LEU A 643 -6.98 -19.91 3.65
N PRO A 644 -5.87 -20.64 3.74
CA PRO A 644 -5.00 -20.80 2.56
C PRO A 644 -5.78 -21.56 1.51
N PRO A 645 -5.29 -21.64 0.27
CA PRO A 645 -6.08 -22.26 -0.80
C PRO A 645 -6.44 -23.72 -0.61
N GLY A 646 -7.42 -24.15 -1.41
CA GLY A 646 -7.94 -25.49 -1.42
C GLY A 646 -7.26 -26.22 -2.54
N PHE A 647 -6.73 -25.44 -3.47
CA PHE A 647 -5.89 -25.98 -4.51
C PHE A 647 -4.58 -26.41 -3.89
N SER A 648 -4.19 -27.62 -4.22
CA SER A 648 -2.95 -28.16 -3.74
C SER A 648 -1.93 -27.77 -4.79
N ALA A 649 -0.87 -27.10 -4.34
CA ALA A 649 0.16 -26.69 -5.27
C ALA A 649 1.12 -27.82 -5.47
N SER A 650 0.63 -29.03 -5.28
CA SER A 650 1.44 -30.22 -5.43
C SER A 650 2.00 -30.16 -6.83
N SER A 651 1.15 -30.27 -7.86
CA SER A 651 1.70 -30.20 -9.20
C SER A 651 2.15 -28.80 -9.57
N THR A 652 3.37 -28.71 -10.07
CA THR A 652 3.79 -27.46 -10.66
C THR A 652 3.00 -27.23 -11.91
N VAL A 653 2.93 -28.31 -12.69
CA VAL A 653 2.30 -28.36 -13.99
C VAL A 653 0.83 -28.07 -13.88
N GLU A 654 0.28 -27.48 -14.92
CA GLU A 654 -1.11 -27.11 -14.89
C GLU A 654 -2.03 -28.29 -14.64
N LYS A 655 -2.91 -28.05 -13.69
CA LYS A 655 -3.97 -28.95 -13.25
C LYS A 655 -5.33 -28.35 -13.53
N PRO A 656 -6.39 -29.12 -13.71
CA PRO A 656 -7.69 -28.47 -13.88
C PRO A 656 -8.09 -27.83 -12.57
N SER A 657 -8.59 -26.61 -12.66
CA SER A 657 -9.02 -25.88 -11.49
C SER A 657 -10.29 -26.55 -10.96
N LYS A 658 -10.69 -26.16 -9.76
CA LYS A 658 -11.87 -26.71 -9.13
C LYS A 658 -12.49 -25.61 -8.29
N VAL A 659 -13.80 -25.72 -8.08
CA VAL A 659 -14.56 -24.74 -7.31
C VAL A 659 -15.36 -25.45 -6.23
N HIS A 660 -15.48 -24.81 -5.07
CA HIS A 660 -16.27 -25.35 -3.98
C HIS A 660 -17.17 -24.28 -3.38
N ARG A 661 -18.49 -24.41 -3.60
CA ARG A 661 -19.43 -23.52 -2.93
C ARG A 661 -19.50 -23.83 -1.43
N ALA A 662 -19.47 -25.13 -1.08
CA ALA A 662 -19.50 -25.57 0.31
C ALA A 662 -18.24 -25.10 1.04
N LEU A 663 -18.37 -24.94 2.36
CA LEU A 663 -17.20 -24.60 3.16
C LEU A 663 -16.09 -25.63 3.02
N TYR A 664 -14.98 -25.21 2.41
CA TYR A 664 -13.89 -26.09 2.03
C TYR A 664 -12.78 -25.78 3.02
N SER A 665 -12.09 -26.80 3.51
CA SER A 665 -11.07 -26.53 4.51
C SER A 665 -9.92 -27.51 4.32
N LYS A 666 -8.75 -27.07 4.76
CA LYS A 666 -7.55 -27.87 4.63
C LYS A 666 -6.77 -27.60 5.90
N GLY A 667 -5.79 -28.46 6.20
CA GLY A 667 -5.07 -28.37 7.45
C GLY A 667 -3.64 -27.89 7.30
N ILE A 668 -3.03 -27.63 8.47
CA ILE A 668 -1.75 -26.95 8.53
C ILE A 668 -0.73 -27.69 7.67
N LEU A 669 -0.81 -29.02 7.67
CA LEU A 669 0.14 -29.84 6.95
C LEU A 669 0.34 -29.32 5.53
N LEU A 670 -0.70 -28.74 4.93
CA LEU A 670 -0.61 -28.13 3.61
C LEU A 670 -0.81 -26.64 3.64
N MET A 671 -1.73 -26.17 4.48
CA MET A 671 -2.05 -24.75 4.58
C MET A 671 -0.86 -23.93 5.05
N ALA A 672 0.04 -24.50 5.83
CA ALA A 672 1.25 -23.78 6.22
C ALA A 672 2.08 -23.44 4.99
N ALA A 673 2.31 -22.14 4.75
CA ALA A 673 3.15 -21.72 3.63
C ALA A 673 4.55 -22.33 3.70
N SER A 674 5.09 -22.47 4.90
CA SER A 674 6.39 -23.12 5.08
C SER A 674 6.19 -24.63 5.24
N GLU A 675 5.56 -25.20 4.21
CA GLU A 675 5.25 -26.63 4.22
C GLU A 675 6.51 -27.49 4.34
N ASN A 676 7.59 -27.09 3.70
CA ASN A 676 8.83 -27.83 3.79
C ASN A 676 9.85 -27.05 4.61
N GLU A 677 10.70 -27.80 5.32
CA GLU A 677 11.67 -27.18 6.22
C GLU A 677 12.83 -26.52 5.49
N ASP A 678 13.10 -26.89 4.23
CA ASP A 678 14.25 -26.34 3.53
C ASP A 678 13.93 -25.18 2.60
N ASN A 679 12.68 -25.04 2.18
CA ASN A 679 12.32 -24.06 1.16
C ASN A 679 11.02 -23.42 1.57
N ASP A 680 11.04 -22.11 1.81
CA ASP A 680 9.80 -21.39 2.04
C ASP A 680 8.99 -21.28 0.74
N ILE A 681 7.68 -21.10 0.89
CA ILE A 681 6.77 -21.01 -0.25
C ILE A 681 6.00 -19.70 -0.13
N LEU A 682 6.38 -18.70 -0.93
CA LEU A 682 5.71 -17.41 -0.87
C LEU A 682 4.26 -17.53 -1.32
N TRP A 683 3.36 -16.95 -0.55
CA TRP A 683 1.95 -16.91 -0.91
C TRP A 683 1.53 -15.45 -0.98
N CYS A 684 0.99 -15.03 -2.10
CA CYS A 684 0.60 -13.63 -2.29
C CYS A 684 -0.87 -13.54 -2.68
N VAL A 685 -1.60 -12.64 -2.02
CA VAL A 685 -3.03 -12.47 -2.29
C VAL A 685 -3.43 -11.03 -2.02
N ASN A 686 -4.18 -10.46 -2.95
CA ASN A 686 -4.77 -9.13 -2.83
C ASN A 686 -6.28 -9.25 -2.90
N HIS A 687 -6.97 -8.22 -2.43
CA HIS A 687 -8.42 -8.14 -2.63
C HIS A 687 -8.77 -8.15 -4.12
N ASP A 688 -9.79 -8.92 -4.47
CA ASP A 688 -10.32 -9.01 -5.84
C ASP A 688 -11.28 -7.85 -6.06
N THR A 689 -10.77 -6.76 -6.63
CA THR A 689 -11.58 -5.56 -6.72
C THR A 689 -12.82 -5.74 -7.60
N PHE A 690 -12.73 -6.53 -8.66
CA PHE A 690 -13.90 -6.61 -9.54
C PHE A 690 -15.09 -7.34 -8.96
N PRO A 691 -14.92 -8.43 -8.25
CA PRO A 691 -16.10 -9.19 -7.85
C PRO A 691 -16.89 -8.46 -6.78
N PHE A 692 -17.55 -7.38 -7.17
CA PHE A 692 -18.50 -6.83 -6.23
C PHE A 692 -19.65 -7.78 -6.02
N GLN A 693 -19.90 -8.66 -6.99
CA GLN A 693 -20.82 -9.77 -6.78
C GLN A 693 -20.21 -10.84 -5.88
N LYS A 694 -18.89 -10.93 -5.81
CA LYS A 694 -18.22 -11.86 -4.90
C LYS A 694 -17.37 -11.04 -3.96
N PRO A 695 -17.97 -10.50 -2.90
CA PRO A 695 -17.23 -9.61 -2.02
C PRO A 695 -16.07 -10.29 -1.35
N MET A 696 -16.12 -11.61 -1.22
CA MET A 696 -15.07 -12.39 -0.57
C MET A 696 -14.10 -12.98 -1.58
N MET A 697 -14.24 -12.64 -2.86
CA MET A 697 -13.30 -13.14 -3.85
C MET A 697 -11.99 -12.38 -3.73
N GLU A 698 -10.90 -13.04 -4.09
CA GLU A 698 -9.57 -12.46 -4.02
C GLU A 698 -8.80 -12.77 -5.29
N THR A 699 -7.85 -11.90 -5.62
CA THR A 699 -6.95 -12.15 -6.73
C THR A 699 -5.75 -12.90 -6.17
N GLN A 700 -5.44 -14.03 -6.80
CA GLN A 700 -4.71 -15.11 -6.18
C GLN A 700 -3.58 -15.59 -7.08
N MET A 701 -2.48 -16.01 -6.47
CA MET A 701 -1.32 -16.45 -7.21
C MET A 701 -0.45 -17.36 -6.34
N THR A 702 0.47 -18.03 -7.00
CA THR A 702 1.46 -18.88 -6.34
C THR A 702 2.82 -18.27 -6.62
N ALA A 703 3.58 -17.96 -5.59
CA ALA A 703 4.93 -17.43 -5.77
C ALA A 703 5.89 -18.53 -5.32
N GLY A 704 6.61 -19.10 -6.27
CA GLY A 704 7.63 -20.09 -5.95
C GLY A 704 9.00 -19.46 -5.78
N VAL A 705 9.69 -19.90 -4.74
CA VAL A 705 11.06 -19.53 -4.51
C VAL A 705 11.87 -20.81 -4.33
N ASP A 706 13.15 -20.63 -4.02
CA ASP A 706 13.99 -21.74 -3.62
C ASP A 706 14.63 -21.57 -2.25
N GLY A 707 14.75 -20.35 -1.73
CA GLY A 707 15.38 -20.12 -0.46
C GLY A 707 14.42 -20.19 0.73
N HIS A 708 15.00 -20.05 1.92
CA HIS A 708 14.21 -19.84 3.12
C HIS A 708 13.91 -18.36 3.24
N SER A 709 12.63 -18.01 3.24
CA SER A 709 12.25 -16.63 3.47
C SER A 709 12.55 -16.24 4.91
N TRP A 710 13.09 -15.05 5.09
CA TRP A 710 13.37 -14.57 6.43
C TRP A 710 12.54 -13.36 6.80
N ALA A 711 12.27 -12.50 5.83
CA ALA A 711 11.45 -11.33 6.10
C ALA A 711 10.81 -10.87 4.80
N LEU A 712 9.63 -10.27 4.94
CA LEU A 712 8.91 -9.71 3.82
C LEU A 712 8.38 -8.41 4.38
N SER A 713 8.58 -7.33 3.65
CA SER A 713 8.12 -6.05 4.13
C SER A 713 6.64 -5.92 3.83
N ALA A 714 5.84 -5.91 4.88
CA ALA A 714 4.41 -5.75 4.72
C ALA A 714 4.09 -4.40 4.10
N ILE A 715 3.38 -4.42 2.96
CA ILE A 715 3.01 -3.18 2.28
C ILE A 715 2.30 -2.25 3.25
N ASP A 716 1.31 -2.81 3.96
CA ASP A 716 0.54 -2.05 4.92
C ASP A 716 1.34 -1.69 6.15
N GLU A 717 2.33 -2.50 6.51
CA GLU A 717 3.10 -2.18 7.71
C GLU A 717 4.08 -1.03 7.52
N LEU A 718 5.16 -1.24 6.77
CA LEU A 718 6.14 -0.18 6.58
C LEU A 718 6.13 0.58 5.25
N LYS A 719 5.49 0.13 4.17
CA LYS A 719 5.65 1.01 3.02
C LYS A 719 4.73 2.22 3.06
N VAL A 720 3.66 2.16 3.84
CA VAL A 720 2.70 3.23 4.03
C VAL A 720 2.99 4.01 5.30
N ASP A 721 4.15 3.78 5.90
CA ASP A 721 4.57 4.38 7.17
C ASP A 721 4.52 5.90 7.20
N LYS A 722 5.03 6.56 6.17
CA LYS A 722 5.01 8.02 6.17
C LYS A 722 3.61 8.57 6.40
N ILE A 723 2.61 8.01 5.71
CA ILE A 723 1.24 8.50 5.86
C ILE A 723 0.42 7.60 6.78
N ILE A 724 -0.65 8.17 7.33
CA ILE A 724 -1.56 7.41 8.19
C ILE A 724 -2.29 6.34 7.39
N THR A 725 -2.72 6.68 6.19
CA THR A 725 -3.47 5.75 5.36
C THR A 725 -2.54 4.69 4.78
N PRO A 726 -3.01 3.44 4.63
CA PRO A 726 -2.17 2.42 4.01
C PRO A 726 -2.36 2.51 2.50
N LEU A 727 -1.99 1.49 1.73
CA LEU A 727 -2.35 1.53 0.33
C LEU A 727 -3.85 1.76 0.26
N ASN A 728 -4.26 2.84 -0.40
CA ASN A 728 -5.66 3.22 -0.34
C ASN A 728 -6.10 3.85 -1.64
N LYS A 729 -7.40 3.84 -1.86
CA LYS A 729 -7.99 4.44 -3.03
C LYS A 729 -8.95 5.57 -2.72
N ASP A 730 -9.43 5.69 -1.48
CA ASP A 730 -10.25 6.81 -1.04
C ASP A 730 -9.90 7.12 0.42
N HIS A 731 -10.68 8.02 1.03
CA HIS A 731 -10.42 8.46 2.38
C HIS A 731 -11.31 7.79 3.41
N ILE A 732 -12.14 6.84 2.97
CA ILE A 732 -13.06 6.13 3.86
C ILE A 732 -13.10 4.67 3.45
N PRO A 733 -13.60 3.79 4.32
CA PRO A 733 -13.55 2.35 4.00
C PRO A 733 -14.20 2.00 2.67
N ILE A 734 -15.33 2.62 2.36
CA ILE A 734 -15.86 2.53 1.02
C ILE A 734 -14.84 3.12 0.06
N THR A 735 -14.37 2.32 -0.90
CA THR A 735 -13.38 2.66 -1.93
C THR A 735 -11.93 2.60 -1.44
N ASP A 736 -11.67 2.03 -0.27
CA ASP A 736 -10.29 1.97 0.21
C ASP A 736 -9.43 0.99 -0.59
N SER A 737 -9.99 -0.15 -0.99
CA SER A 737 -9.29 -1.25 -1.67
C SER A 737 -9.19 -1.27 -3.20
N PRO A 738 -10.00 -0.52 -3.98
CA PRO A 738 -9.99 -0.76 -5.42
C PRO A 738 -8.75 -0.27 -6.13
N VAL A 739 -7.74 -1.14 -6.16
CA VAL A 739 -6.51 -0.85 -6.88
C VAL A 739 -6.80 -0.43 -8.31
N VAL A 740 -7.89 -0.96 -8.88
CA VAL A 740 -8.28 -0.68 -10.25
C VAL A 740 -8.46 0.82 -10.49
N VAL A 741 -9.00 1.56 -9.52
CA VAL A 741 -9.25 2.98 -9.74
C VAL A 741 -7.96 3.79 -9.78
N GLN A 742 -6.96 3.41 -8.97
CA GLN A 742 -5.75 4.21 -8.82
C GLN A 742 -4.61 3.69 -9.69
N GLN A 743 -4.92 2.84 -10.67
CA GLN A 743 -3.91 2.20 -11.49
C GLN A 743 -2.97 3.20 -12.15
N HIS A 744 -3.48 4.38 -12.47
CA HIS A 744 -2.69 5.43 -13.10
C HIS A 744 -2.31 6.53 -12.14
N MET A 745 -2.76 6.48 -10.89
CA MET A 745 -2.49 7.57 -9.99
C MET A 745 -1.27 7.30 -9.12
N LEU A 746 -0.88 6.05 -8.95
CA LEU A 746 0.31 5.66 -8.22
C LEU A 746 0.87 4.41 -8.86
N PRO A 747 2.19 4.19 -8.79
CA PRO A 747 2.75 3.00 -9.41
C PRO A 747 2.29 1.75 -8.69
N PRO A 748 2.23 0.61 -9.37
CA PRO A 748 1.96 -0.66 -8.70
C PRO A 748 2.90 -0.91 -7.53
N LYS A 749 2.31 -1.37 -6.43
CA LYS A 749 3.03 -1.67 -5.19
C LYS A 749 4.05 -2.79 -5.40
N LYS A 750 5.33 -2.49 -5.20
CA LYS A 750 6.39 -3.49 -5.29
C LYS A 750 6.81 -3.96 -3.90
N PHE A 751 7.30 -5.20 -3.80
CA PHE A 751 7.53 -5.81 -2.50
C PHE A 751 8.84 -6.59 -2.47
N VAL A 752 9.57 -6.44 -1.36
CA VAL A 752 10.91 -6.99 -1.20
C VAL A 752 10.87 -8.13 -0.19
N LEU A 753 11.21 -9.34 -0.66
CA LEU A 753 11.29 -10.53 0.18
C LEU A 753 12.73 -10.73 0.66
N LEU A 754 12.92 -10.73 1.97
CA LEU A 754 14.24 -10.98 2.53
C LEU A 754 14.53 -12.47 2.62
N SER A 755 15.64 -12.88 2.02
CA SER A 755 16.14 -14.24 2.17
C SER A 755 17.56 -14.22 2.73
N ALA A 756 18.06 -15.42 3.02
CA ALA A 756 19.43 -15.58 3.49
C ALA A 756 20.46 -15.47 2.38
N GLN A 757 20.05 -15.26 1.14
CA GLN A 757 21.01 -15.08 0.08
C GLN A 757 20.85 -13.78 -0.69
N GLY A 758 19.74 -13.08 -0.55
CA GLY A 758 19.56 -11.85 -1.29
C GLY A 758 18.14 -11.35 -1.17
N SER A 759 17.82 -10.35 -2.00
CA SER A 759 16.48 -9.76 -2.04
C SER A 759 15.81 -9.99 -3.39
N LEU A 760 14.63 -10.61 -3.37
CA LEU A 760 13.82 -10.83 -4.55
C LEU A 760 12.70 -9.81 -4.53
N MET A 761 12.51 -9.12 -5.65
CA MET A 761 11.51 -8.06 -5.73
C MET A 761 10.25 -8.51 -6.48
N PHE A 762 9.15 -8.61 -5.73
CA PHE A 762 7.83 -8.94 -6.25
C PHE A 762 6.95 -7.69 -6.24
N HIS A 763 6.29 -7.43 -7.35
CA HIS A 763 5.57 -6.18 -7.56
C HIS A 763 4.09 -6.49 -7.71
N LYS A 764 3.25 -5.77 -6.97
CA LYS A 764 1.82 -5.95 -7.12
C LYS A 764 1.42 -5.67 -8.55
N LEU A 765 0.56 -6.51 -9.09
CA LEU A 765 0.15 -6.38 -10.48
C LEU A 765 -1.19 -5.67 -10.55
N ARG A 766 -1.32 -4.81 -11.55
CA ARG A 766 -2.58 -4.08 -11.63
C ARG A 766 -3.54 -4.78 -12.56
N PRO A 767 -4.83 -4.45 -12.46
CA PRO A 767 -5.78 -4.89 -13.49
C PRO A 767 -5.29 -4.56 -14.89
N VAL A 768 -4.80 -3.35 -15.13
CA VAL A 768 -4.33 -3.06 -16.49
C VAL A 768 -3.14 -3.95 -16.85
N ASP A 769 -2.27 -4.25 -15.89
CA ASP A 769 -1.10 -5.08 -16.18
C ASP A 769 -1.50 -6.53 -16.42
N GLN A 770 -2.30 -7.09 -15.52
CA GLN A 770 -2.73 -8.47 -15.67
C GLN A 770 -3.55 -8.63 -16.94
N LEU A 771 -4.49 -7.73 -17.14
CA LEU A 771 -5.34 -7.74 -18.32
C LEU A 771 -4.52 -7.56 -19.58
N ARG A 772 -3.50 -6.70 -19.52
CA ARG A 772 -2.64 -6.46 -20.66
C ARG A 772 -1.93 -7.74 -21.05
N HIS A 773 -1.34 -8.40 -20.05
CA HIS A 773 -0.70 -9.67 -20.35
C HIS A 773 -1.73 -10.69 -20.80
N LEU A 774 -2.96 -10.49 -20.33
CA LEU A 774 -4.09 -11.32 -20.72
C LEU A 774 -4.29 -11.10 -22.21
N LEU A 775 -4.16 -9.85 -22.65
CA LEU A 775 -4.31 -9.51 -24.05
C LEU A 775 -3.19 -10.25 -24.76
N VAL A 776 -2.02 -10.24 -24.14
CA VAL A 776 -0.88 -10.98 -24.64
C VAL A 776 -1.27 -12.42 -24.85
N SER A 777 -2.17 -12.95 -24.02
CA SER A 777 -2.45 -14.36 -24.16
C SER A 777 -3.20 -14.68 -25.45
N ASN A 778 -3.89 -13.72 -26.06
CA ASN A 778 -4.47 -14.03 -27.36
C ASN A 778 -3.60 -13.54 -28.50
N VAL A 779 -2.42 -13.00 -28.21
CA VAL A 779 -1.47 -12.63 -29.27
C VAL A 779 -0.91 -13.88 -29.95
N GLY A 780 -0.60 -14.91 -29.16
CA GLY A 780 -0.06 -16.16 -29.67
C GLY A 780 -0.95 -17.36 -29.47
N GLY A 783 -8.18 -17.26 -29.87
CA GLY A 783 -8.65 -17.68 -28.56
C GLY A 783 -9.89 -16.95 -28.08
N GLU A 784 -10.76 -17.63 -27.35
CA GLU A 784 -11.91 -16.98 -26.72
C GLU A 784 -11.41 -16.34 -25.44
N GLU A 785 -11.06 -15.06 -25.51
CA GLU A 785 -10.31 -14.44 -24.43
C GLU A 785 -10.99 -13.25 -23.80
N ILE A 786 -11.59 -12.39 -24.61
CA ILE A 786 -12.23 -11.20 -24.09
C ILE A 786 -13.33 -11.55 -23.11
N GLU A 787 -14.05 -12.63 -23.38
CA GLU A 787 -15.09 -13.07 -22.48
C GLU A 787 -14.57 -13.33 -21.07
N ARG A 788 -13.34 -13.81 -20.91
CA ARG A 788 -12.82 -13.89 -19.55
C ARG A 788 -12.73 -12.51 -18.92
N PHE A 789 -12.30 -11.50 -19.69
CA PHE A 789 -12.28 -10.16 -19.13
C PHE A 789 -13.68 -9.75 -18.73
N PHE A 790 -14.66 -10.05 -19.59
CA PHE A 790 -16.04 -9.70 -19.33
C PHE A 790 -16.52 -10.36 -18.04
N LYS A 791 -16.24 -11.67 -17.89
CA LYS A 791 -16.59 -12.38 -16.68
C LYS A 791 -15.92 -11.76 -15.49
N LEU A 792 -14.75 -11.18 -15.69
CA LEU A 792 -14.11 -10.45 -14.60
C LEU A 792 -14.68 -9.05 -14.48
N HIS A 793 -14.90 -8.37 -15.60
CA HIS A 793 -15.05 -6.92 -15.58
C HIS A 793 -16.44 -6.37 -15.82
N GLN A 794 -17.46 -7.21 -16.01
CA GLN A 794 -18.83 -6.74 -16.16
C GLN A 794 -18.97 -5.79 -17.34
N GLU A 795 -18.15 -6.01 -18.37
CA GLU A 795 -18.17 -5.23 -19.61
C GLU A 795 -18.03 -3.74 -19.36
N ASP A 796 -17.24 -3.37 -18.35
CA ASP A 796 -17.04 -1.95 -18.16
C ASP A 796 -15.61 -1.71 -17.67
N GLN A 797 -15.12 -2.57 -16.79
CA GLN A 797 -13.75 -2.35 -16.36
C GLN A 797 -12.84 -2.88 -17.45
N ALA A 798 -13.28 -3.95 -18.11
CA ALA A 798 -12.55 -4.44 -19.26
C ALA A 798 -12.48 -3.35 -20.31
N CYS A 799 -13.58 -2.63 -20.52
CA CYS A 799 -13.57 -1.53 -21.47
C CYS A 799 -12.63 -0.42 -21.03
N ALA A 800 -12.65 -0.07 -19.73
CA ALA A 800 -11.75 0.95 -19.22
C ALA A 800 -10.29 0.55 -19.42
N THR A 801 -9.93 -0.66 -18.99
CA THR A 801 -8.56 -1.13 -19.12
C THR A 801 -8.18 -1.32 -20.57
N CYS A 802 -9.12 -1.68 -21.43
CA CYS A 802 -8.80 -1.88 -22.84
C CYS A 802 -8.49 -0.55 -23.49
N LEU A 803 -9.25 0.50 -23.15
CA LEU A 803 -8.88 1.82 -23.62
C LEU A 803 -7.56 2.27 -23.01
N ILE A 804 -7.27 1.86 -21.77
CA ILE A 804 -5.99 2.19 -21.17
C ILE A 804 -4.85 1.52 -21.94
N LEU A 805 -5.05 0.25 -22.28
CA LEU A 805 -4.05 -0.50 -23.02
C LEU A 805 -3.82 0.14 -24.38
N ALA A 806 -4.90 0.47 -25.08
CA ALA A 806 -4.81 1.16 -26.36
C ALA A 806 -4.12 2.52 -26.23
N CYS A 807 -4.69 3.40 -25.39
CA CYS A 807 -4.19 4.76 -25.26
C CYS A 807 -2.88 4.84 -24.50
N SER A 808 -2.81 4.23 -23.31
CA SER A 808 -1.68 4.57 -22.45
C SER A 808 -0.43 3.84 -22.89
N THR A 809 -0.59 2.65 -23.43
CA THR A 809 0.56 1.85 -23.81
C THR A 809 1.01 2.15 -25.23
N ALA A 810 0.23 2.93 -25.99
CA ALA A 810 0.57 3.18 -27.37
C ALA A 810 1.95 3.79 -27.49
N ALA A 811 2.33 4.60 -26.51
CA ALA A 811 3.64 5.21 -26.49
C ALA A 811 4.72 4.25 -26.03
N CYS A 812 4.36 3.12 -25.43
CA CYS A 812 5.32 2.17 -24.88
C CYS A 812 5.40 0.87 -25.65
N ASP A 813 4.26 0.39 -26.12
CA ASP A 813 4.18 -0.84 -26.91
C ASP A 813 3.11 -0.59 -27.97
N ARG A 814 3.51 -0.58 -29.24
CA ARG A 814 2.59 -0.26 -30.33
C ARG A 814 1.56 -1.37 -30.62
N GLU A 815 2.01 -2.62 -30.70
CA GLU A 815 1.09 -3.69 -31.13
C GLU A 815 0.06 -4.07 -30.07
N VAL A 816 0.45 -4.17 -28.80
CA VAL A 816 -0.51 -4.53 -27.76
C VAL A 816 -1.61 -3.48 -27.66
N SER A 817 -1.22 -2.21 -27.71
CA SER A 817 -2.20 -1.13 -27.69
C SER A 817 -3.09 -1.21 -28.92
N ALA A 818 -2.50 -1.50 -30.09
CA ALA A 818 -3.30 -1.69 -31.27
C ALA A 818 -4.26 -2.85 -31.08
N TRP A 819 -3.79 -3.91 -30.43
CA TRP A 819 -4.64 -5.04 -30.13
C TRP A 819 -5.83 -4.57 -29.31
N ALA A 820 -5.54 -3.67 -28.36
CA ALA A 820 -6.58 -3.08 -27.55
C ALA A 820 -7.54 -2.23 -28.38
N THR A 821 -7.01 -1.48 -29.35
CA THR A 821 -7.87 -0.64 -30.19
C THR A 821 -8.89 -1.49 -30.94
N ARG A 822 -8.42 -2.48 -31.69
CA ARG A 822 -9.33 -3.34 -32.44
C ARG A 822 -10.23 -4.07 -31.44
N ALA A 823 -9.63 -4.55 -30.36
CA ALA A 823 -10.38 -5.27 -29.33
C ALA A 823 -11.40 -4.38 -28.63
N PHE A 824 -11.00 -3.15 -28.33
CA PHE A 824 -11.87 -2.19 -27.66
C PHE A 824 -13.10 -1.85 -28.51
N PHE A 825 -12.87 -1.68 -29.80
CA PHE A 825 -13.94 -1.37 -30.74
C PHE A 825 -14.85 -2.57 -30.89
N ARG A 826 -14.25 -3.72 -31.13
CA ARG A 826 -15.01 -4.93 -31.38
C ARG A 826 -15.70 -5.42 -30.11
N TYR A 827 -15.06 -5.26 -28.95
CA TYR A 827 -15.57 -5.81 -27.71
C TYR A 827 -15.93 -4.75 -26.67
N GLY A 828 -16.15 -3.51 -27.07
CA GLY A 828 -16.46 -2.53 -26.06
C GLY A 828 -17.91 -2.48 -25.62
N GLY A 829 -18.75 -3.33 -26.20
CA GLY A 829 -20.18 -3.34 -25.93
C GLY A 829 -20.88 -2.07 -26.38
N TYR A 910 -26.53 2.82 -21.45
CA TYR A 910 -25.60 3.04 -22.55
C TYR A 910 -24.50 1.97 -22.50
N SER A 911 -23.81 1.78 -23.62
CA SER A 911 -22.80 0.74 -23.70
C SER A 911 -21.64 0.97 -22.73
N GLY A 912 -20.99 -0.13 -22.39
CA GLY A 912 -19.78 -0.16 -21.56
C GLY A 912 -18.55 0.52 -22.13
N LYS A 913 -18.48 0.67 -23.46
CA LYS A 913 -17.37 1.39 -24.07
C LYS A 913 -17.27 2.85 -23.62
N HIS A 914 -18.35 3.63 -23.80
CA HIS A 914 -18.33 5.01 -23.36
C HIS A 914 -18.16 5.11 -21.85
N ASN A 915 -18.89 4.27 -21.10
CA ASN A 915 -18.80 4.32 -19.66
C ASN A 915 -17.37 4.05 -19.20
N GLY A 916 -16.70 3.08 -19.83
CA GLY A 916 -15.29 2.88 -19.54
C GLY A 916 -14.46 4.09 -19.90
N ILE A 917 -14.88 4.84 -20.91
CA ILE A 917 -14.22 6.11 -21.19
C ILE A 917 -14.38 7.03 -19.99
N CYS A 918 -15.59 7.04 -19.43
CA CYS A 918 -15.84 7.84 -18.24
C CYS A 918 -14.94 7.40 -17.11
N ILE A 919 -14.77 6.09 -16.96
CA ILE A 919 -13.85 5.54 -15.98
C ILE A 919 -12.45 6.11 -16.19
N TYR A 920 -11.99 6.11 -17.44
CA TYR A 920 -10.63 6.56 -17.75
C TYR A 920 -10.43 8.02 -17.36
N PHE A 921 -11.33 8.89 -17.81
CA PHE A 921 -11.15 10.32 -17.53
C PHE A 921 -11.25 10.59 -16.03
N SER A 922 -12.25 9.97 -15.38
CA SER A 922 -12.44 10.18 -13.95
C SER A 922 -11.21 9.73 -13.15
N ARG A 923 -10.64 8.58 -13.49
CA ARG A 923 -9.43 8.15 -12.79
C ARG A 923 -8.26 9.08 -13.09
N ILE A 924 -8.18 9.59 -14.32
CA ILE A 924 -7.16 10.58 -14.63
C ILE A 924 -7.30 11.78 -13.71
N MET A 925 -8.52 12.10 -13.30
CA MET A 925 -8.78 13.30 -12.50
C MET A 925 -9.06 12.99 -11.04
N GLY A 926 -8.86 11.76 -10.59
CA GLY A 926 -9.24 11.47 -9.22
C GLY A 926 -8.48 12.25 -8.17
N ASN A 927 -7.23 12.61 -8.43
CA ASN A 927 -6.52 13.44 -7.46
C ASN A 927 -6.81 14.92 -7.57
N ILE A 928 -7.32 15.40 -8.71
CA ILE A 928 -7.51 16.83 -8.91
C ILE A 928 -8.97 17.26 -8.77
N TRP A 929 -9.89 16.43 -9.29
CA TRP A 929 -11.27 16.83 -9.56
C TRP A 929 -11.91 17.49 -8.35
N ASP A 930 -11.93 16.78 -7.23
CA ASP A 930 -12.57 17.31 -6.03
C ASP A 930 -11.56 18.02 -5.14
N VAL A 953 -1.19 19.94 -7.36
CA VAL A 953 -0.68 18.70 -7.96
C VAL A 953 0.73 18.93 -8.50
N PRO A 954 1.63 18.02 -8.17
CA PRO A 954 2.99 18.07 -8.74
C PRO A 954 2.99 18.09 -10.27
N CYS A 955 3.87 18.93 -10.82
CA CYS A 955 3.91 19.19 -12.26
C CYS A 955 4.14 17.91 -13.06
N GLN A 956 4.93 16.98 -12.54
CA GLN A 956 5.12 15.72 -13.25
C GLN A 956 3.80 14.97 -13.36
N LEU A 957 3.01 14.94 -12.29
CA LEU A 957 1.71 14.30 -12.37
C LEU A 957 0.74 15.06 -13.25
N LEU A 958 0.77 16.39 -13.21
CA LEU A 958 -0.04 17.17 -14.14
C LEU A 958 0.34 16.89 -15.58
N GLU A 959 1.64 16.82 -15.87
CA GLU A 959 2.09 16.47 -17.21
C GLU A 959 1.62 15.07 -17.60
N SER A 960 1.68 14.13 -16.67
CA SER A 960 1.21 12.78 -16.98
C SER A 960 -0.28 12.79 -17.30
N VAL A 961 -1.06 13.55 -16.53
CA VAL A 961 -2.48 13.72 -16.82
C VAL A 961 -2.71 14.34 -18.19
N LEU A 962 -1.96 15.39 -18.50
CA LEU A 962 -2.09 16.03 -19.81
C LEU A 962 -1.74 15.04 -20.92
N GLN A 963 -0.67 14.28 -20.73
CA GLN A 963 -0.27 13.29 -21.72
C GLN A 963 -1.35 12.23 -21.88
N GLU A 964 -1.94 11.79 -20.77
CA GLU A 964 -3.02 10.81 -20.81
C GLU A 964 -4.21 11.35 -21.59
N LEU A 965 -4.62 12.58 -21.29
CA LEU A 965 -5.73 13.19 -21.99
C LEU A 965 -5.41 13.41 -23.46
N LYS A 966 -4.22 13.94 -23.75
CA LYS A 966 -3.84 14.23 -25.13
C LYS A 966 -3.71 12.94 -25.94
N GLY A 967 -3.15 11.89 -25.36
CA GLY A 967 -3.06 10.62 -26.05
C GLY A 967 -4.43 10.00 -26.24
N LEU A 968 -5.32 10.19 -25.27
CA LEU A 968 -6.70 9.73 -25.44
C LEU A 968 -7.41 10.49 -26.54
N GLN A 969 -7.29 11.81 -26.52
CA GLN A 969 -7.86 12.64 -27.56
C GLN A 969 -7.28 12.27 -28.91
N GLU A 970 -5.97 12.03 -28.95
CA GLU A 970 -5.31 11.55 -30.14
C GLU A 970 -5.86 10.20 -30.57
N PHE A 971 -6.13 9.33 -29.61
CA PHE A 971 -6.69 8.01 -29.89
C PHE A 971 -8.01 8.12 -30.64
N LEU A 972 -8.92 8.90 -30.12
CA LEU A 972 -10.19 9.07 -30.80
C LEU A 972 -10.02 9.84 -32.12
N ASP A 973 -9.28 10.98 -32.09
CA ASP A 973 -9.10 11.82 -33.27
C ASP A 973 -8.44 11.06 -34.41
N ARG A 974 -7.44 10.23 -34.09
CA ARG A 974 -6.73 9.37 -35.03
C ARG A 974 -7.51 8.10 -35.32
N ASN A 975 -8.70 8.01 -34.72
CA ASN A 975 -9.61 6.88 -34.87
C ASN A 975 -11.02 7.29 -35.31
N SER A 976 -11.15 8.33 -36.11
CA SER A 976 -12.48 8.79 -36.54
C SER A 976 -13.18 7.68 -37.28
N GLN A 977 -12.51 7.13 -38.30
CA GLN A 977 -13.08 6.00 -39.02
C GLN A 977 -13.05 4.75 -38.13
N PHE A 978 -11.90 4.51 -37.52
CA PHE A 978 -11.71 3.35 -36.63
C PHE A 978 -12.48 3.45 -35.31
N ALA A 979 -12.41 4.62 -34.69
CA ALA A 979 -13.09 4.87 -33.43
C ALA A 979 -14.58 5.02 -33.71
N GLY A 980 -15.43 4.59 -32.79
CA GLY A 980 -16.84 4.76 -33.05
C GLY A 980 -17.30 6.10 -32.51
N GLY A 981 -18.01 6.88 -33.33
CA GLY A 981 -18.54 8.15 -32.87
C GLY A 981 -17.92 9.43 -33.40
N PRO A 982 -16.65 9.40 -33.78
CA PRO A 982 -16.14 10.58 -34.47
C PRO A 982 -16.75 10.80 -35.85
N LEU A 983 -16.75 9.78 -36.71
CA LEU A 983 -17.41 9.92 -38.00
C LEU A 983 -18.91 10.07 -37.82
N GLY A 984 -19.54 10.71 -38.79
CA GLY A 984 -20.98 10.91 -38.78
C GLY A 984 -21.76 9.62 -38.85
N LYS A 1017 -29.90 1.51 -33.15
CA LYS A 1017 -28.61 2.14 -32.88
C LYS A 1017 -28.26 3.23 -33.90
N PHE A 1018 -28.16 2.77 -35.15
CA PHE A 1018 -27.76 3.64 -36.24
C PHE A 1018 -28.69 4.84 -36.42
N HIS A 1019 -29.99 4.66 -36.26
CA HIS A 1019 -30.83 5.82 -36.49
C HIS A 1019 -30.48 6.91 -35.52
N GLU A 1020 -30.26 6.57 -34.27
CA GLU A 1020 -29.92 7.62 -33.35
C GLU A 1020 -28.75 7.23 -32.49
N ALA A 1021 -28.87 6.10 -31.82
CA ALA A 1021 -27.90 5.71 -30.81
C ALA A 1021 -26.51 5.98 -31.31
N GLN A 1022 -26.27 5.76 -32.60
CA GLN A 1022 -24.91 5.99 -33.05
C GLN A 1022 -24.63 7.47 -32.91
N LEU A 1023 -25.62 8.28 -33.25
CA LEU A 1023 -25.50 9.70 -32.97
C LEU A 1023 -25.25 9.88 -31.49
N SER A 1024 -25.90 9.06 -30.69
CA SER A 1024 -25.79 9.20 -29.25
C SER A 1024 -24.35 9.03 -28.83
N GLU A 1025 -23.66 8.10 -29.45
CA GLU A 1025 -22.28 7.89 -29.05
C GLU A 1025 -21.41 8.96 -29.66
N LYS A 1026 -21.72 9.38 -30.87
CA LYS A 1026 -20.94 10.45 -31.47
C LYS A 1026 -20.91 11.65 -30.55
N ILE A 1027 -22.08 12.07 -30.07
CA ILE A 1027 -22.16 13.21 -29.15
C ILE A 1027 -21.49 12.88 -27.83
N SER A 1028 -21.61 11.64 -27.35
CA SER A 1028 -20.97 11.28 -26.09
C SER A 1028 -19.48 11.53 -26.22
N LEU A 1029 -18.95 11.09 -27.35
CA LEU A 1029 -17.54 11.29 -27.67
C LEU A 1029 -17.22 12.78 -27.79
N GLN A 1030 -18.13 13.53 -28.43
CA GLN A 1030 -17.91 14.97 -28.60
C GLN A 1030 -17.76 15.66 -27.25
N ALA A 1031 -18.67 15.36 -26.32
CA ALA A 1031 -18.57 15.91 -24.97
C ALA A 1031 -17.31 15.44 -24.28
N ILE A 1032 -16.96 14.16 -24.44
CA ILE A 1032 -15.75 13.65 -23.83
C ILE A 1032 -14.54 14.41 -24.34
N GLN A 1033 -14.41 14.54 -25.66
CA GLN A 1033 -13.24 15.18 -26.23
C GLN A 1033 -13.21 16.64 -25.86
N GLN A 1034 -14.37 17.29 -25.81
CA GLN A 1034 -14.39 18.67 -25.37
C GLN A 1034 -13.90 18.79 -23.94
N LEU A 1035 -14.33 17.88 -23.04
CA LEU A 1035 -13.82 17.90 -21.68
C LEU A 1035 -12.32 17.62 -21.63
N VAL A 1036 -11.87 16.66 -22.45
CA VAL A 1036 -10.45 16.33 -22.52
C VAL A 1036 -9.63 17.52 -22.98
N ARG A 1037 -10.07 18.16 -24.08
CA ARG A 1037 -9.36 19.32 -24.60
C ARG A 1037 -9.37 20.48 -23.62
N LYS A 1038 -10.49 20.70 -22.93
CA LYS A 1038 -10.52 21.75 -21.91
C LYS A 1038 -9.58 21.42 -20.76
N SER A 1039 -9.54 20.16 -20.34
CA SER A 1039 -8.63 19.76 -19.28
C SER A 1039 -7.19 20.02 -19.71
N TYR A 1040 -6.87 19.71 -20.97
CA TYR A 1040 -5.55 20.01 -21.51
C TYR A 1040 -5.29 21.51 -21.43
N GLN A 1041 -6.28 22.31 -21.82
CA GLN A 1041 -6.16 23.76 -21.72
C GLN A 1041 -5.94 24.20 -20.29
N ALA A 1042 -6.71 23.63 -19.37
CA ALA A 1042 -6.61 23.96 -17.96
C ALA A 1042 -5.24 23.62 -17.39
N LEU A 1043 -4.71 22.45 -17.74
CA LEU A 1043 -3.38 22.06 -17.25
C LEU A 1043 -2.32 23.00 -17.80
N ALA A 1044 -2.41 23.30 -19.10
CA ALA A 1044 -1.47 24.26 -19.70
C ALA A 1044 -1.61 25.62 -19.03
N LEU A 1045 -2.85 26.00 -18.73
CA LEU A 1045 -3.10 27.22 -18.01
C LEU A 1045 -2.45 27.17 -16.62
N TRP A 1046 -2.51 26.02 -15.94
CA TRP A 1046 -1.81 25.90 -14.65
C TRP A 1046 -0.30 26.03 -14.82
N LYS A 1047 0.23 25.51 -15.92
CA LYS A 1047 1.63 25.77 -16.25
C LYS A 1047 1.86 27.27 -16.41
N LEU A 1048 0.95 27.94 -17.09
CA LEU A 1048 0.95 29.39 -17.17
C LEU A 1048 0.86 30.02 -15.78
N LEU A 1049 0.06 29.46 -14.90
CA LEU A 1049 0.01 29.93 -13.52
C LEU A 1049 1.39 29.85 -12.88
N CYS A 1050 2.19 28.85 -13.28
CA CYS A 1050 3.58 28.77 -12.83
C CYS A 1050 4.47 29.57 -13.78
N GLU A 1051 3.80 30.22 -14.69
CA GLU A 1051 4.19 31.27 -15.61
C GLU A 1051 3.38 32.52 -15.24
N HIS A 1052 3.11 32.64 -13.95
CA HIS A 1052 2.33 33.69 -13.30
C HIS A 1052 2.81 34.03 -11.90
N GLN A 1053 2.00 34.72 -11.11
CA GLN A 1053 2.43 35.14 -9.78
C GLN A 1053 1.25 35.44 -8.87
N PHE A 1054 1.54 35.40 -7.58
CA PHE A 1054 0.64 35.58 -6.44
C PHE A 1054 1.19 36.43 -5.31
N THR A 1055 2.44 36.23 -4.88
CA THR A 1055 2.94 37.06 -3.78
C THR A 1055 3.28 38.48 -4.22
N ILE A 1056 3.63 38.70 -5.49
CA ILE A 1056 3.93 40.06 -5.95
C ILE A 1056 2.63 40.78 -6.26
N ILE A 1057 1.58 39.97 -6.40
CA ILE A 1057 0.20 40.32 -6.70
C ILE A 1057 -0.55 40.81 -5.47
N VAL A 1058 0.00 40.58 -4.29
CA VAL A 1058 -0.63 40.94 -3.03
C VAL A 1058 -1.16 42.37 -2.99
N ALA A 1059 -0.39 43.37 -3.43
CA ALA A 1059 -1.09 44.64 -3.25
C ALA A 1059 -1.45 45.60 -4.39
N GLU A 1060 -1.99 45.12 -5.52
CA GLU A 1060 -2.37 46.10 -6.54
C GLU A 1060 -3.60 45.63 -7.34
N LEU A 1061 -3.87 44.35 -7.34
CA LEU A 1061 -5.00 43.78 -8.06
C LEU A 1061 -6.31 43.39 -7.35
N GLN A 1062 -6.74 44.11 -6.32
CA GLN A 1062 -7.96 43.70 -5.61
C GLN A 1062 -8.00 42.40 -4.77
N LYS A 1063 -7.20 42.42 -3.70
CA LYS A 1063 -6.94 41.25 -2.87
C LYS A 1063 -8.09 40.24 -2.79
N GLU A 1064 -9.31 40.70 -2.55
CA GLU A 1064 -10.37 39.71 -2.60
C GLU A 1064 -10.40 39.05 -3.97
N LEU A 1065 -10.25 39.84 -5.01
CA LEU A 1065 -10.17 39.23 -6.32
C LEU A 1065 -8.93 38.37 -6.39
N GLN A 1066 -7.88 38.77 -5.70
CA GLN A 1066 -6.67 37.97 -5.69
C GLN A 1066 -6.98 36.57 -5.20
N GLU A 1067 -7.68 36.44 -4.07
CA GLU A 1067 -8.02 35.11 -3.63
C GLU A 1067 -8.88 34.45 -4.69
N GLN A 1068 -9.77 35.23 -5.29
CA GLN A 1068 -10.61 34.72 -6.35
C GLN A 1068 -9.74 34.04 -7.37
N LEU A 1069 -8.71 34.76 -7.74
CA LEU A 1069 -7.73 34.26 -8.67
C LEU A 1069 -7.09 33.01 -8.12
N LYS A 1070 -6.73 33.02 -6.85
CA LYS A 1070 -5.97 31.90 -6.33
C LYS A 1070 -6.77 30.62 -6.50
N ILE A 1071 -8.05 30.66 -6.17
CA ILE A 1071 -8.90 29.48 -6.33
C ILE A 1071 -8.92 29.28 -7.84
N THR A 1072 -8.13 28.32 -8.27
CA THR A 1072 -7.98 28.00 -9.68
C THR A 1072 -7.71 26.51 -9.88
N THR A 1073 -8.25 25.69 -8.99
CA THR A 1073 -8.05 24.24 -9.07
C THR A 1073 -9.34 23.44 -9.01
N PHE A 1074 -10.15 23.72 -7.99
CA PHE A 1074 -11.40 23.02 -7.76
C PHE A 1074 -12.42 23.24 -8.87
N LYS A 1075 -13.14 22.17 -9.19
CA LYS A 1075 -14.18 22.09 -10.22
C LYS A 1075 -14.17 23.13 -11.33
N ASP A 1076 -14.13 24.41 -10.93
CA ASP A 1076 -14.12 25.51 -11.88
C ASP A 1076 -13.01 25.34 -12.93
N LEU A 1077 -11.88 24.82 -12.50
CA LEU A 1077 -10.75 24.63 -13.39
C LEU A 1077 -11.11 23.68 -14.54
N VAL A 1078 -11.87 22.63 -14.24
CA VAL A 1078 -12.24 21.69 -15.28
C VAL A 1078 -13.48 22.16 -16.04
N ILE A 1079 -14.51 22.66 -15.36
CA ILE A 1079 -15.76 22.85 -16.11
C ILE A 1079 -16.44 24.21 -15.96
N ARG A 1080 -15.79 25.24 -15.41
CA ARG A 1080 -16.66 26.40 -15.26
C ARG A 1080 -16.22 27.76 -15.81
N ASP A 1081 -15.17 28.36 -15.26
CA ASP A 1081 -15.12 29.84 -15.27
C ASP A 1081 -13.71 30.32 -15.61
N LYS A 1082 -13.49 30.62 -16.88
CA LYS A 1082 -12.22 31.22 -17.28
C LYS A 1082 -12.31 32.73 -17.40
N GLU A 1083 -13.35 33.37 -16.87
CA GLU A 1083 -13.26 34.81 -16.68
C GLU A 1083 -12.12 35.12 -15.73
N LEU A 1084 -11.99 34.29 -14.69
CA LEU A 1084 -10.84 34.37 -13.83
C LEU A 1084 -9.56 34.16 -14.61
N THR A 1085 -9.58 33.24 -15.57
CA THR A 1085 -8.43 33.04 -16.44
C THR A 1085 -8.07 34.33 -17.18
N GLY A 1086 -9.07 35.05 -17.68
CA GLY A 1086 -8.80 36.34 -18.28
C GLY A 1086 -8.18 37.30 -17.29
N ALA A 1087 -8.61 37.21 -16.03
CA ALA A 1087 -7.98 38.00 -14.99
C ALA A 1087 -6.51 37.61 -14.84
N LEU A 1088 -6.22 36.31 -14.90
CA LEU A 1088 -4.85 35.83 -14.80
C LEU A 1088 -4.02 36.35 -15.96
N ILE A 1089 -4.66 36.44 -17.12
CA ILE A 1089 -4.00 37.01 -18.27
C ILE A 1089 -3.56 38.42 -17.96
N ALA A 1090 -4.46 39.23 -17.41
CA ALA A 1090 -4.08 40.60 -17.06
C ALA A 1090 -2.98 40.65 -16.02
N SER A 1091 -3.01 39.74 -15.04
CA SER A 1091 -1.92 39.70 -14.08
C SER A 1091 -0.61 39.48 -14.77
N LEU A 1092 -0.59 38.58 -15.73
CA LEU A 1092 0.61 38.35 -16.50
C LEU A 1092 0.94 39.63 -17.29
N ILE A 1093 -0.12 40.31 -17.74
CA ILE A 1093 0.00 41.47 -18.63
C ILE A 1093 0.67 42.58 -17.89
N ASN A 1094 0.46 42.61 -16.62
CA ASN A 1094 1.01 43.69 -15.87
C ASN A 1094 2.34 43.29 -15.28
N CYS A 1095 2.41 42.09 -14.70
CA CYS A 1095 3.65 41.71 -14.05
C CYS A 1095 4.83 41.61 -15.03
N TYR A 1096 4.67 40.91 -16.16
CA TYR A 1096 5.75 40.81 -17.15
C TYR A 1096 7.10 40.33 -16.58
N ILE A 1097 7.13 39.46 -15.56
CA ILE A 1097 8.42 39.02 -15.00
C ILE A 1097 9.19 38.16 -16.01
N ARG A 1098 8.49 37.27 -16.71
CA ARG A 1098 9.12 36.38 -17.67
C ARG A 1098 9.51 37.19 -18.91
N ASP A 1099 10.55 36.73 -19.60
CA ASP A 1099 11.05 37.38 -20.80
C ASP A 1099 10.69 36.56 -22.04
N ASN A 1100 10.05 37.25 -22.99
CA ASN A 1100 9.56 36.68 -24.25
C ASN A 1100 8.63 35.49 -24.02
N ALA A 1101 7.80 35.59 -22.96
CA ALA A 1101 6.82 34.57 -22.60
C ALA A 1101 5.37 35.04 -22.72
N ALA A 1102 5.10 36.34 -22.47
CA ALA A 1102 3.73 36.83 -22.41
C ALA A 1102 2.97 36.53 -23.70
N VAL A 1103 3.52 36.95 -24.84
CA VAL A 1103 2.79 36.80 -26.09
C VAL A 1103 2.40 35.34 -26.25
N ASP A 1104 3.36 34.45 -25.98
CA ASP A 1104 3.07 33.04 -26.04
C ASP A 1104 2.02 32.67 -25.01
N GLY A 1105 2.08 33.26 -23.82
CA GLY A 1105 1.08 32.96 -22.81
C GLY A 1105 -0.29 33.40 -23.28
N ILE A 1106 -0.35 34.61 -23.86
CA ILE A 1106 -1.61 35.13 -24.33
C ILE A 1106 -2.18 34.22 -25.41
N SER A 1107 -1.32 33.79 -26.32
CA SER A 1107 -1.75 32.88 -27.38
C SER A 1107 -2.25 31.57 -26.80
N LEU A 1108 -1.62 31.10 -25.73
CA LEU A 1108 -2.06 29.87 -25.10
C LEU A 1108 -3.47 30.06 -24.62
N HIS A 1109 -3.73 31.21 -24.04
CA HIS A 1109 -5.07 31.51 -23.58
C HIS A 1109 -6.02 31.53 -24.77
N LEU A 1110 -5.58 32.11 -25.88
CA LEU A 1110 -6.42 32.19 -27.05
C LEU A 1110 -6.84 30.79 -27.46
N GLN A 1111 -5.90 29.86 -27.43
CA GLN A 1111 -6.22 28.46 -27.73
C GLN A 1111 -6.95 27.82 -26.56
N ASP A 1112 -6.98 28.50 -25.43
CA ASP A 1112 -7.63 28.05 -24.21
C ASP A 1112 -9.04 28.64 -24.15
N ILE A 1113 -9.19 29.93 -24.39
CA ILE A 1113 -10.53 30.51 -24.33
C ILE A 1113 -10.86 31.41 -25.52
N CYS A 1114 -11.12 30.81 -26.67
CA CYS A 1114 -11.49 31.53 -27.89
C CYS A 1114 -12.16 30.58 -28.87
#